data_6C55
#
_entry.id   6C55
#
_cell.length_a   65.724
_cell.length_b   79.032
_cell.length_c   69.640
_cell.angle_alpha   90.00
_cell.angle_beta   101.39
_cell.angle_gamma   90.00
#
_symmetry.space_group_name_H-M   'P 1 21 1'
#
loop_
_entity.id
_entity.type
_entity.pdbx_description
1 polymer 'Ketol-acid reductoisomerase (NADP(+))'
2 non-polymer 'MAGNESIUM ION'
3 non-polymer 'NADP NICOTINAMIDE-ADENINE-DINUCLEOTIDE PHOSPHATE'
4 non-polymer '(cyclohexylamino)(oxo)acetic acid'
5 non-polymer '[cyclohexyl(hydroxy)amino](oxo)acetic acid'
6 water water
#
_entity_poly.entity_id   1
_entity_poly.type   'polypeptide(L)'
_entity_poly.pdbx_seq_one_letter_code
;MTTVYYDQDVKTDALQGKKIAVVGYGSQGHAHAQNLKDNGYDVVIGIRPGRSFDKAKEDGFDVFPVAEAVKQADVIMVLL
PDEIQGDVYKNEIEPNLEKHNALAFAHGFNIHFGVIQPPADVDVFLVAPKGPGHLVRRTFVEGSAVPSLFGIQQDASGQA
RNIALSYAKGIGATRAGVIETTFKEETETDLFGEQAVLCGGVSKLIQSGFETLVEAGYQPELAYFEVLHEMKLIVDLMYE
GGMENVRYSISNTAEFGDYVSGPRVITPDVKENMKAVLTDIQNGNFSNRFIEDNKNGFKEFYKLREEQHGHQIEKVGREL
REMMPFIKSKSIEKHHHHHH
;
_entity_poly.pdbx_strand_id   A,B
#
loop_
_chem_comp.id
_chem_comp.type
_chem_comp.name
_chem_comp.formula
EKA non-polymer '[cyclohexyl(hydroxy)amino](oxo)acetic acid' 'C8 H13 N O4'
EKD non-polymer '(cyclohexylamino)(oxo)acetic acid' 'C8 H13 N O3'
MG non-polymer 'MAGNESIUM ION' 'Mg 2'
NAP non-polymer 'NADP NICOTINAMIDE-ADENINE-DINUCLEOTIDE PHOSPHATE' 'C21 H28 N7 O17 P3'
#
# COMPACT_ATOMS: atom_id res chain seq x y z
N THR A 2 25.37 -1.80 -0.52
CA THR A 2 26.50 -2.69 -0.23
C THR A 2 26.18 -3.65 0.91
N THR A 3 26.71 -3.35 2.09
CA THR A 3 26.57 -4.21 3.26
C THR A 3 25.25 -3.90 3.98
N VAL A 4 24.49 -4.95 4.27
CA VAL A 4 23.30 -4.85 5.12
C VAL A 4 23.58 -5.59 6.41
N TYR A 5 23.35 -4.93 7.54
CA TYR A 5 23.60 -5.54 8.85
C TYR A 5 22.32 -6.14 9.40
N TYR A 6 22.40 -7.39 9.86
CA TYR A 6 21.34 -8.09 10.58
C TYR A 6 21.83 -8.40 11.99
N ASP A 7 20.98 -9.08 12.78
CA ASP A 7 21.24 -9.26 14.21
C ASP A 7 22.62 -9.85 14.47
N GLN A 8 22.97 -10.95 13.78
CA GLN A 8 24.24 -11.60 14.05
C GLN A 8 25.45 -10.78 13.59
N ASP A 9 25.23 -9.71 12.81
CA ASP A 9 26.35 -8.92 12.30
C ASP A 9 26.78 -7.82 13.26
N VAL A 10 26.04 -7.60 14.34
CA VAL A 10 26.40 -6.66 15.39
C VAL A 10 27.07 -7.49 16.48
N LYS A 11 28.41 -7.47 16.53
CA LYS A 11 29.14 -8.42 17.36
C LYS A 11 29.20 -7.98 18.82
N THR A 12 29.42 -6.69 19.07
CA THR A 12 29.58 -6.13 20.40
C THR A 12 28.30 -5.40 20.82
N ASP A 13 27.90 -5.55 22.09
CA ASP A 13 26.82 -4.72 22.66
C ASP A 13 27.45 -3.50 23.31
N ALA A 14 27.65 -2.46 22.50
CA ALA A 14 28.28 -1.21 22.94
C ALA A 14 27.37 -0.34 23.80
N LEU A 15 26.10 -0.67 23.93
CA LEU A 15 25.18 0.06 24.79
C LEU A 15 25.01 -0.58 26.18
N GLN A 16 25.57 -1.77 26.39
CA GLN A 16 25.41 -2.47 27.65
C GLN A 16 25.88 -1.63 28.83
N GLY A 17 25.00 -1.47 29.83
CA GLY A 17 25.31 -0.70 31.02
C GLY A 17 25.18 0.81 30.86
N LYS A 18 24.85 1.30 29.68
CA LYS A 18 24.73 2.74 29.48
C LYS A 18 23.30 3.19 29.74
N LYS A 19 23.16 4.43 30.22
CA LYS A 19 21.85 5.00 30.43
C LYS A 19 21.49 5.83 29.20
N ILE A 20 20.31 5.58 28.64
CA ILE A 20 19.87 6.22 27.40
C ILE A 20 18.73 7.16 27.74
N ALA A 21 18.84 8.41 27.32
CA ALA A 21 17.74 9.37 27.43
C ALA A 21 17.08 9.50 26.06
N VAL A 22 15.77 9.27 26.01
CA VAL A 22 14.99 9.56 24.82
C VAL A 22 14.34 10.91 25.05
N VAL A 23 14.74 11.91 24.26
CA VAL A 23 14.21 13.26 24.40
C VAL A 23 13.00 13.40 23.47
N GLY A 24 11.83 13.54 24.07
CA GLY A 24 10.59 13.46 23.31
C GLY A 24 9.92 12.10 23.43
N TYR A 25 8.61 12.09 23.26
CA TYR A 25 7.85 10.85 23.41
C TYR A 25 6.64 10.89 22.49
N GLY A 26 6.87 11.17 21.20
CA GLY A 26 5.82 11.16 20.20
C GLY A 26 5.85 9.91 19.35
N SER A 27 5.68 10.10 18.04
N SER A 27 5.69 10.11 18.04
CA SER A 27 5.61 8.97 17.11
CA SER A 27 5.61 8.99 17.10
C SER A 27 6.85 8.08 17.19
C SER A 27 6.84 8.09 17.20
N GLN A 28 8.03 8.66 17.01
CA GLN A 28 9.25 7.85 17.16
C GLN A 28 9.63 7.66 18.63
N GLY A 29 9.55 8.74 19.43
CA GLY A 29 10.04 8.66 20.80
C GLY A 29 9.48 7.50 21.58
N HIS A 30 8.15 7.31 21.53
CA HIS A 30 7.56 6.21 22.29
C HIS A 30 8.01 4.85 21.76
N ALA A 31 8.25 4.73 20.46
CA ALA A 31 8.65 3.42 19.91
C ALA A 31 10.09 3.08 20.26
N HIS A 32 11.03 4.03 20.10
CA HIS A 32 12.43 3.78 20.46
C HIS A 32 12.54 3.41 21.94
N ALA A 33 11.86 4.17 22.81
CA ALA A 33 11.99 3.95 24.26
C ALA A 33 11.45 2.59 24.67
N GLN A 34 10.28 2.22 24.15
CA GLN A 34 9.66 0.97 24.56
C GLN A 34 10.39 -0.23 23.96
N ASN A 35 10.87 -0.11 22.71
CA ASN A 35 11.65 -1.20 22.13
C ASN A 35 12.96 -1.40 22.89
N LEU A 36 13.65 -0.30 23.23
CA LEU A 36 14.90 -0.41 23.97
C LEU A 36 14.67 -0.97 25.37
N LYS A 37 13.59 -0.53 26.04
CA LYS A 37 13.31 -1.03 27.38
C LYS A 37 12.95 -2.52 27.36
N ASP A 38 12.13 -2.93 26.39
CA ASP A 38 11.89 -4.37 26.20
C ASP A 38 13.17 -5.16 25.93
N ASN A 39 14.18 -4.55 25.31
CA ASN A 39 15.45 -5.24 25.10
C ASN A 39 16.39 -5.14 26.30
N GLY A 40 15.91 -4.60 27.43
CA GLY A 40 16.67 -4.64 28.66
C GLY A 40 17.58 -3.46 28.92
N TYR A 41 17.49 -2.40 28.13
CA TYR A 41 18.33 -1.22 28.36
C TYR A 41 17.68 -0.29 29.39
N ASP A 42 18.53 0.48 30.06
CA ASP A 42 18.12 1.50 31.04
C ASP A 42 17.75 2.78 30.31
N VAL A 43 16.45 3.08 30.21
CA VAL A 43 15.93 4.19 29.42
C VAL A 43 15.22 5.17 30.34
N VAL A 44 15.60 6.46 30.28
CA VAL A 44 14.79 7.51 30.89
C VAL A 44 14.24 8.39 29.77
N ILE A 45 13.14 9.09 30.06
CA ILE A 45 12.50 10.00 29.11
C ILE A 45 12.77 11.43 29.55
N GLY A 46 13.21 12.27 28.62
CA GLY A 46 13.32 13.69 28.88
C GLY A 46 12.29 14.45 28.08
N ILE A 47 11.42 15.23 28.73
CA ILE A 47 10.25 15.78 28.05
C ILE A 47 9.67 16.89 28.91
N ARG A 48 9.11 17.90 28.25
CA ARG A 48 8.44 18.99 28.95
C ARG A 48 7.11 18.50 29.51
N PRO A 49 6.54 19.20 30.50
CA PRO A 49 5.24 18.78 31.02
C PRO A 49 4.17 18.88 29.93
N GLY A 50 3.20 17.99 29.99
CA GLY A 50 2.09 18.01 29.04
C GLY A 50 1.60 16.60 28.77
N ARG A 51 0.94 16.44 27.61
CA ARG A 51 0.38 15.15 27.21
C ARG A 51 1.45 14.06 27.14
N SER A 52 2.62 14.37 26.54
CA SER A 52 3.63 13.33 26.35
C SER A 52 4.25 12.91 27.68
N PHE A 53 4.53 13.88 28.55
CA PHE A 53 4.95 13.57 29.92
C PHE A 53 3.99 12.57 30.58
N ASP A 54 2.69 12.85 30.51
CA ASP A 54 1.71 11.99 31.17
C ASP A 54 1.67 10.60 30.55
N LYS A 55 1.74 10.52 29.21
CA LYS A 55 1.75 9.21 28.56
C LYS A 55 2.98 8.40 28.94
N ALA A 56 4.17 9.02 28.91
CA ALA A 56 5.39 8.30 29.29
C ALA A 56 5.31 7.81 30.72
N LYS A 57 4.78 8.62 31.62
CA LYS A 57 4.67 8.15 33.00
C LYS A 57 3.67 7.00 33.11
N GLU A 58 2.59 7.04 32.32
CA GLU A 58 1.61 5.95 32.33
C GLU A 58 2.21 4.65 31.78
N ASP A 59 3.06 4.75 30.75
CA ASP A 59 3.74 3.61 30.17
C ASP A 59 4.87 3.08 31.04
N GLY A 60 5.09 3.63 32.23
CA GLY A 60 6.02 3.04 33.18
C GLY A 60 7.43 3.58 33.18
N PHE A 61 7.70 4.72 32.54
CA PHE A 61 9.04 5.25 32.46
C PHE A 61 9.30 6.21 33.63
N ASP A 62 10.57 6.34 34.00
CA ASP A 62 11.02 7.47 34.80
C ASP A 62 11.15 8.69 33.89
N VAL A 63 10.52 9.79 34.27
CA VAL A 63 10.33 10.92 33.37
C VAL A 63 10.90 12.17 34.03
N PHE A 64 11.68 12.92 33.27
CA PHE A 64 12.42 14.07 33.78
C PHE A 64 12.33 15.22 32.78
N PRO A 65 12.55 16.44 33.23
CA PRO A 65 12.84 17.52 32.29
C PRO A 65 14.05 17.17 31.43
N VAL A 66 14.05 17.68 30.20
CA VAL A 66 15.11 17.35 29.25
C VAL A 66 16.49 17.53 29.88
N ALA A 67 16.72 18.66 30.56
CA ALA A 67 18.04 18.96 31.10
C ALA A 67 18.50 17.90 32.10
N GLU A 68 17.58 17.45 32.97
CA GLU A 68 17.95 16.44 33.95
C GLU A 68 18.19 15.08 33.27
N ALA A 69 17.35 14.75 32.29
CA ALA A 69 17.54 13.51 31.53
C ALA A 69 18.90 13.49 30.84
N VAL A 70 19.29 14.63 30.24
CA VAL A 70 20.59 14.70 29.58
C VAL A 70 21.72 14.51 30.60
N LYS A 71 21.60 15.14 31.78
CA LYS A 71 22.64 15.01 32.79
C LYS A 71 22.83 13.57 33.24
N GLN A 72 21.75 12.80 33.32
CA GLN A 72 21.84 11.42 33.78
C GLN A 72 22.39 10.47 32.71
N ALA A 73 22.13 10.73 31.43
CA ALA A 73 22.35 9.72 30.41
C ALA A 73 23.78 9.76 29.85
N ASP A 74 24.16 8.64 29.25
CA ASP A 74 25.34 8.58 28.37
C ASP A 74 25.01 8.82 26.90
N VAL A 75 23.83 8.37 26.44
CA VAL A 75 23.38 8.48 25.06
C VAL A 75 22.09 9.28 25.06
N ILE A 76 22.03 10.31 24.23
CA ILE A 76 20.89 11.22 24.20
C ILE A 76 20.31 11.16 22.78
N MET A 77 19.11 10.59 22.66
CA MET A 77 18.45 10.44 21.37
C MET A 77 17.38 11.52 21.23
N VAL A 78 17.52 12.39 20.23
CA VAL A 78 16.72 13.59 20.09
C VAL A 78 15.56 13.29 19.16
N LEU A 79 14.37 13.23 19.71
CA LEU A 79 13.17 12.82 19.00
C LEU A 79 12.09 13.88 19.16
N LEU A 80 12.50 15.15 19.04
CA LEU A 80 11.63 16.32 19.00
C LEU A 80 11.30 16.67 17.56
N PRO A 81 10.25 17.45 17.33
CA PRO A 81 9.98 17.92 15.95
C PRO A 81 11.22 18.63 15.41
N ASP A 82 11.49 18.42 14.12
CA ASP A 82 12.77 18.92 13.56
C ASP A 82 12.91 20.43 13.72
N GLU A 83 11.80 21.16 13.66
CA GLU A 83 11.85 22.61 13.75
C GLU A 83 12.07 23.09 15.18
N ILE A 84 11.84 22.22 16.16
CA ILE A 84 12.00 22.53 17.58
C ILE A 84 13.39 22.22 18.10
N GLN A 85 14.12 21.31 17.44
CA GLN A 85 15.35 20.78 18.01
C GLN A 85 16.41 21.86 18.26
N GLY A 86 16.51 22.85 17.36
CA GLY A 86 17.57 23.85 17.50
C GLY A 86 17.55 24.55 18.84
N ASP A 87 16.38 25.06 19.23
CA ASP A 87 16.25 25.83 20.47
C ASP A 87 16.32 24.94 21.71
N VAL A 88 15.74 23.74 21.66
CA VAL A 88 15.82 22.87 22.83
C VAL A 88 17.25 22.39 23.03
N TYR A 89 17.97 22.14 21.93
CA TYR A 89 19.36 21.73 22.06
C TYR A 89 20.18 22.82 22.74
N LYS A 90 20.09 24.05 22.24
CA LYS A 90 20.91 25.14 22.77
C LYS A 90 20.56 25.43 24.24
N ASN A 91 19.28 25.43 24.58
CA ASN A 91 18.84 25.81 25.92
C ASN A 91 18.89 24.67 26.93
N GLU A 92 18.66 23.44 26.52
CA GLU A 92 18.47 22.36 27.47
C GLU A 92 19.42 21.18 27.28
N ILE A 93 19.95 20.96 26.07
CA ILE A 93 20.78 19.78 25.84
C ILE A 93 22.25 20.15 25.94
N GLU A 94 22.69 21.11 25.12
CA GLU A 94 24.12 21.44 25.09
C GLU A 94 24.72 21.83 26.44
N PRO A 95 24.08 22.65 27.29
CA PRO A 95 24.71 22.97 28.60
C PRO A 95 24.91 21.78 29.50
N ASN A 96 24.26 20.65 29.24
CA ASN A 96 24.33 19.52 30.14
C ASN A 96 25.05 18.32 29.57
N LEU A 97 25.59 18.42 28.37
CA LEU A 97 26.36 17.32 27.78
C LEU A 97 27.72 17.21 28.47
N GLU A 98 28.16 15.98 28.71
CA GLU A 98 29.50 15.70 29.23
C GLU A 98 30.39 15.18 28.12
N LYS A 99 31.70 15.24 28.36
CA LYS A 99 32.67 14.74 27.40
C LYS A 99 32.42 13.26 27.12
N HIS A 100 32.40 12.92 25.84
CA HIS A 100 32.23 11.56 25.33
C HIS A 100 30.84 10.98 25.59
N ASN A 101 29.86 11.80 25.99
CA ASN A 101 28.46 11.46 25.74
C ASN A 101 28.26 11.25 24.23
N ALA A 102 27.15 10.62 23.86
CA ALA A 102 26.77 10.45 22.46
C ALA A 102 25.43 11.14 22.23
N LEU A 103 25.34 11.87 21.13
CA LEU A 103 24.14 12.59 20.76
C LEU A 103 23.62 12.00 19.46
N ALA A 104 22.33 11.69 19.42
CA ALA A 104 21.80 10.93 18.31
C ALA A 104 20.50 11.54 17.80
N PHE A 105 20.20 11.27 16.54
CA PHE A 105 19.01 11.77 15.88
C PHE A 105 18.42 10.62 15.10
N ALA A 106 17.14 10.74 14.74
CA ALA A 106 16.50 9.82 13.82
C ALA A 106 16.28 10.46 12.46
N HIS A 107 16.82 11.66 12.24
CA HIS A 107 16.73 12.38 10.98
C HIS A 107 17.93 13.32 10.94
N GLY A 108 18.63 13.39 9.81
CA GLY A 108 19.84 14.17 9.72
C GLY A 108 19.66 15.65 9.57
N PHE A 109 18.41 16.14 9.56
CA PHE A 109 18.08 17.50 9.15
C PHE A 109 18.89 18.55 9.89
N ASN A 110 18.81 18.56 11.23
CA ASN A 110 19.42 19.68 11.94
C ASN A 110 20.93 19.69 11.85
N ILE A 111 21.56 18.51 11.81
CA ILE A 111 23.01 18.47 11.66
C ILE A 111 23.41 18.82 10.23
N HIS A 112 22.78 18.17 9.25
CA HIS A 112 23.17 18.37 7.85
C HIS A 112 23.01 19.83 7.44
N PHE A 113 21.88 20.45 7.79
CA PHE A 113 21.66 21.83 7.39
C PHE A 113 22.26 22.84 8.37
N GLY A 114 23.05 22.39 9.34
CA GLY A 114 23.83 23.32 10.15
C GLY A 114 23.05 24.09 11.18
N VAL A 115 21.87 23.60 11.56
CA VAL A 115 21.12 24.26 12.62
C VAL A 115 21.72 23.96 13.98
N ILE A 116 22.25 22.76 14.17
CA ILE A 116 22.87 22.35 15.43
C ILE A 116 24.34 22.07 15.16
N GLN A 117 25.22 22.73 15.92
CA GLN A 117 26.65 22.41 15.90
C GLN A 117 27.03 21.71 17.20
N PRO A 118 27.22 20.40 17.22
CA PRO A 118 27.53 19.69 18.47
C PRO A 118 28.95 19.95 18.91
N PRO A 119 29.24 19.89 20.21
CA PRO A 119 30.62 20.12 20.66
C PRO A 119 31.55 19.06 20.08
N ALA A 120 32.82 19.43 19.97
CA ALA A 120 33.81 18.57 19.32
C ALA A 120 34.07 17.28 20.09
N ASP A 121 33.69 17.19 21.36
CA ASP A 121 34.09 16.06 22.19
C ASP A 121 32.92 15.13 22.52
N VAL A 122 31.85 15.14 21.72
CA VAL A 122 30.77 14.18 21.88
C VAL A 122 30.58 13.40 20.59
N ASP A 123 30.24 12.12 20.72
CA ASP A 123 29.86 11.33 19.55
C ASP A 123 28.53 11.83 19.00
N VAL A 124 28.36 11.79 17.68
CA VAL A 124 27.13 12.22 17.01
C VAL A 124 26.80 11.17 15.97
N PHE A 125 25.63 10.54 16.10
CA PHE A 125 25.23 9.51 15.15
C PHE A 125 23.75 9.61 14.86
N LEU A 126 23.29 8.72 13.98
CA LEU A 126 21.94 8.75 13.46
C LEU A 126 21.45 7.33 13.33
N VAL A 127 20.24 7.05 13.82
CA VAL A 127 19.51 5.83 13.53
C VAL A 127 18.11 6.24 13.09
N ALA A 128 17.83 6.11 11.78
CA ALA A 128 16.62 6.64 11.16
C ALA A 128 15.74 5.49 10.66
N PRO A 129 14.70 5.11 11.40
CA PRO A 129 13.78 4.08 10.87
C PRO A 129 13.03 4.55 9.64
N LYS A 130 12.93 3.66 8.65
CA LYS A 130 12.26 3.95 7.38
C LYS A 130 10.78 3.56 7.45
N GLY A 131 10.08 4.17 8.41
CA GLY A 131 8.67 3.89 8.62
C GLY A 131 8.13 4.66 9.80
N PRO A 132 6.80 4.77 9.90
CA PRO A 132 6.20 5.54 10.99
C PRO A 132 6.48 4.90 12.34
N GLY A 133 6.65 5.76 13.35
CA GLY A 133 7.00 5.28 14.68
C GLY A 133 6.01 4.30 15.27
N HIS A 134 4.71 4.52 15.03
CA HIS A 134 3.71 3.59 15.54
C HIS A 134 3.93 2.18 15.02
N LEU A 135 4.38 2.05 13.76
CA LEU A 135 4.67 0.71 13.23
C LEU A 135 6.06 0.23 13.61
N VAL A 136 7.01 1.13 13.87
CA VAL A 136 8.28 0.69 14.47
C VAL A 136 8.02 -0.08 15.75
N ARG A 137 7.11 0.43 16.60
CA ARG A 137 6.72 -0.29 17.81
C ARG A 137 5.90 -1.54 17.49
N ARG A 138 4.89 -1.42 16.62
CA ARG A 138 3.98 -2.54 16.37
C ARG A 138 4.70 -3.75 15.77
N THR A 139 5.47 -3.54 14.69
CA THR A 139 6.22 -4.65 14.10
C THR A 139 7.13 -5.31 15.12
N PHE A 140 7.85 -4.51 15.92
CA PHE A 140 8.71 -5.08 16.96
C PHE A 140 7.95 -5.99 17.90
N VAL A 141 6.74 -5.58 18.32
CA VAL A 141 5.96 -6.41 19.23
C VAL A 141 5.52 -7.69 18.54
N GLU A 142 5.21 -7.63 17.24
CA GLU A 142 4.77 -8.80 16.49
C GLU A 142 5.93 -9.72 16.10
N GLY A 143 7.18 -9.36 16.39
CA GLY A 143 8.33 -10.19 16.05
C GLY A 143 9.08 -9.77 14.80
N SER A 144 8.54 -8.84 14.00
CA SER A 144 9.25 -8.34 12.82
C SER A 144 9.91 -7.00 13.12
N ALA A 145 10.05 -6.11 12.13
CA ALA A 145 10.78 -4.87 12.36
C ALA A 145 10.66 -3.96 11.14
N VAL A 146 10.95 -2.69 11.36
CA VAL A 146 11.09 -1.69 10.30
C VAL A 146 12.59 -1.52 10.01
N PRO A 147 13.01 -1.54 8.75
CA PRO A 147 14.43 -1.32 8.45
C PRO A 147 14.84 0.11 8.78
N SER A 148 16.12 0.31 9.08
CA SER A 148 16.63 1.63 9.45
C SER A 148 17.97 1.89 8.79
N LEU A 149 18.35 3.17 8.76
CA LEU A 149 19.70 3.59 8.40
C LEU A 149 20.47 4.01 9.65
N PHE A 150 21.79 3.85 9.61
CA PHE A 150 22.64 4.44 10.63
C PHE A 150 23.79 5.18 9.97
N GLY A 151 24.30 6.19 10.67
CA GLY A 151 25.40 7.00 10.16
C GLY A 151 26.12 7.70 11.30
N ILE A 152 27.36 8.10 11.04
CA ILE A 152 28.16 8.77 12.04
C ILE A 152 28.64 10.11 11.50
N GLN A 153 28.35 11.17 12.25
CA GLN A 153 28.87 12.51 11.95
C GLN A 153 30.19 12.79 12.66
N GLN A 154 30.37 12.26 13.88
CA GLN A 154 31.46 12.66 14.75
C GLN A 154 31.78 11.50 15.68
N ASP A 155 33.03 11.08 15.72
CA ASP A 155 33.48 9.98 16.57
C ASP A 155 34.55 10.55 17.50
N ALA A 156 34.13 10.97 18.69
CA ALA A 156 35.04 11.57 19.66
C ALA A 156 35.60 10.52 20.61
N SER A 157 34.78 9.58 21.03
CA SER A 157 35.21 8.57 21.99
C SER A 157 35.90 7.39 21.34
N GLY A 158 35.82 7.25 20.01
CA GLY A 158 36.24 6.04 19.37
C GLY A 158 35.20 4.93 19.34
N GLN A 159 34.02 5.13 19.94
CA GLN A 159 32.97 4.12 20.02
C GLN A 159 31.74 4.45 19.19
N ALA A 160 31.72 5.58 18.47
CA ALA A 160 30.50 6.07 17.85
C ALA A 160 29.84 5.01 16.96
N ARG A 161 30.63 4.32 16.13
CA ARG A 161 30.06 3.37 15.18
C ARG A 161 29.43 2.18 15.89
N ASN A 162 30.15 1.59 16.85
CA ASN A 162 29.61 0.47 17.62
C ASN A 162 28.34 0.86 18.38
N ILE A 163 28.31 2.07 18.93
CA ILE A 163 27.13 2.50 19.68
C ILE A 163 25.93 2.62 18.76
N ALA A 164 26.12 3.22 17.59
CA ALA A 164 25.04 3.36 16.62
C ALA A 164 24.51 2.00 16.17
N LEU A 165 25.41 1.05 15.87
CA LEU A 165 24.94 -0.27 15.47
C LEU A 165 24.18 -0.97 16.58
N SER A 166 24.70 -0.91 17.81
CA SER A 166 23.99 -1.50 18.94
C SER A 166 22.66 -0.80 19.21
N TYR A 167 22.60 0.52 19.03
CA TYR A 167 21.32 1.22 19.14
C TYR A 167 20.32 0.71 18.11
N ALA A 168 20.74 0.60 16.85
CA ALA A 168 19.84 0.12 15.81
C ALA A 168 19.37 -1.30 16.10
N LYS A 169 20.27 -2.15 16.59
CA LYS A 169 19.84 -3.46 17.05
C LYS A 169 18.89 -3.37 18.23
N GLY A 170 19.10 -2.39 19.12
CA GLY A 170 18.29 -2.29 20.32
C GLY A 170 16.85 -1.90 20.06
N ILE A 171 16.59 -1.21 18.93
CA ILE A 171 15.22 -0.88 18.58
C ILE A 171 14.60 -1.91 17.65
N GLY A 172 15.32 -3.01 17.37
CA GLY A 172 14.82 -4.10 16.56
C GLY A 172 15.12 -4.00 15.09
N ALA A 173 15.75 -2.91 14.63
CA ALA A 173 15.89 -2.67 13.19
C ALA A 173 16.68 -3.77 12.48
N THR A 174 17.67 -4.38 13.15
CA THR A 174 18.48 -5.37 12.46
C THR A 174 17.71 -6.66 12.16
N ARG A 175 16.49 -6.83 12.68
CA ARG A 175 15.67 -7.94 12.22
C ARG A 175 15.29 -7.80 10.75
N ALA A 176 15.15 -6.55 10.29
CA ALA A 176 14.79 -6.30 8.90
C ALA A 176 15.97 -5.82 8.06
N GLY A 177 17.00 -5.24 8.67
CA GLY A 177 18.21 -4.87 7.95
C GLY A 177 18.52 -3.41 8.19
N VAL A 178 19.79 -3.13 8.36
CA VAL A 178 20.27 -1.79 8.64
C VAL A 178 21.41 -1.49 7.68
N ILE A 179 21.40 -0.27 7.12
CA ILE A 179 22.38 0.13 6.11
C ILE A 179 23.07 1.39 6.59
N GLU A 180 24.36 1.46 6.40
CA GLU A 180 25.13 2.63 6.78
C GLU A 180 24.96 3.73 5.75
N THR A 181 24.92 4.97 6.21
CA THR A 181 24.71 6.09 5.31
C THR A 181 25.45 7.28 5.93
N THR A 182 25.32 8.44 5.28
CA THR A 182 25.80 9.71 5.83
C THR A 182 24.61 10.56 6.24
N PHE A 183 24.88 11.59 7.04
CA PHE A 183 23.81 12.51 7.41
C PHE A 183 23.23 13.19 6.17
N LYS A 184 24.07 13.47 5.18
CA LYS A 184 23.60 14.11 3.94
C LYS A 184 22.63 13.20 3.20
N GLU A 185 23.05 11.95 2.94
CA GLU A 185 22.22 11.04 2.15
C GLU A 185 20.92 10.69 2.87
N GLU A 186 20.98 10.47 4.18
CA GLU A 186 19.74 10.20 4.92
C GLU A 186 18.79 11.37 4.80
N THR A 187 19.30 12.59 4.94
CA THR A 187 18.42 13.76 4.95
C THR A 187 17.76 13.98 3.61
N GLU A 188 18.54 13.91 2.54
CA GLU A 188 18.01 14.20 1.22
C GLU A 188 17.04 13.12 0.75
N THR A 189 17.39 11.85 0.96
CA THR A 189 16.50 10.77 0.53
C THR A 189 15.25 10.68 1.39
N ASP A 190 15.37 10.95 2.70
CA ASP A 190 14.18 10.94 3.54
C ASP A 190 13.19 12.03 3.11
N LEU A 191 13.68 13.26 2.91
CA LEU A 191 12.79 14.34 2.52
C LEU A 191 12.18 14.08 1.14
N PHE A 192 12.97 13.50 0.23
CA PHE A 192 12.44 13.21 -1.09
C PHE A 192 11.35 12.15 -1.03
N GLY A 193 11.59 11.06 -0.31
CA GLY A 193 10.59 10.00 -0.20
C GLY A 193 9.24 10.52 0.29
N GLU A 194 9.24 11.28 1.40
CA GLU A 194 7.96 11.77 1.91
C GLU A 194 7.32 12.77 0.97
N GLN A 195 8.13 13.63 0.34
CA GLN A 195 7.57 14.68 -0.51
C GLN A 195 7.07 14.12 -1.83
N ALA A 196 7.88 13.32 -2.52
CA ALA A 196 7.57 12.91 -3.89
C ALA A 196 6.79 11.60 -4.00
N VAL A 197 6.84 10.73 -2.99
CA VAL A 197 6.30 9.39 -3.16
C VAL A 197 5.30 9.01 -2.07
N LEU A 198 5.73 9.09 -0.79
CA LEU A 198 5.01 8.42 0.30
C LEU A 198 3.85 9.25 0.84
N CYS A 199 4.01 10.57 0.94
CA CYS A 199 2.97 11.45 1.45
C CYS A 199 2.44 12.36 0.35
N GLY A 200 3.32 13.12 -0.30
CA GLY A 200 2.86 14.05 -1.33
C GLY A 200 2.32 13.32 -2.55
N GLY A 201 3.11 12.41 -3.09
CA GLY A 201 2.81 11.75 -4.36
C GLY A 201 1.62 10.83 -4.31
N VAL A 202 1.64 9.83 -3.42
CA VAL A 202 0.60 8.81 -3.49
C VAL A 202 -0.74 9.37 -3.03
N SER A 203 -0.73 10.31 -2.07
N SER A 203 -0.73 10.30 -2.08
CA SER A 203 -2.00 10.85 -1.59
CA SER A 203 -1.99 10.84 -1.59
C SER A 203 -2.68 11.68 -2.68
C SER A 203 -2.68 11.67 -2.67
N LYS A 204 -1.90 12.42 -3.46
CA LYS A 204 -2.48 13.21 -4.54
C LYS A 204 -2.88 12.35 -5.72
N LEU A 205 -2.15 11.25 -5.96
CA LEU A 205 -2.57 10.27 -6.95
C LEU A 205 -3.92 9.67 -6.57
N ILE A 206 -4.06 9.30 -5.29
CA ILE A 206 -5.29 8.69 -4.81
C ILE A 206 -6.45 9.67 -4.92
N GLN A 207 -6.21 10.93 -4.57
CA GLN A 207 -7.26 11.94 -4.63
C GLN A 207 -7.65 12.23 -6.07
N SER A 208 -6.67 12.27 -6.98
CA SER A 208 -6.98 12.50 -8.40
C SER A 208 -7.80 11.36 -8.99
N GLY A 209 -7.43 10.11 -8.68
CA GLY A 209 -8.22 8.99 -9.16
C GLY A 209 -9.64 9.02 -8.61
N PHE A 210 -9.79 9.26 -7.30
CA PHE A 210 -11.11 9.33 -6.68
C PHE A 210 -11.96 10.43 -7.32
N GLU A 211 -11.41 11.65 -7.43
CA GLU A 211 -12.13 12.75 -8.04
C GLU A 211 -12.55 12.42 -9.46
N THR A 212 -11.65 11.79 -10.24
CA THR A 212 -12.00 11.42 -11.61
C THR A 212 -13.23 10.53 -11.64
N LEU A 213 -13.30 9.54 -10.75
CA LEU A 213 -14.42 8.61 -10.78
C LEU A 213 -15.72 9.26 -10.29
N VAL A 214 -15.66 10.08 -9.24
CA VAL A 214 -16.93 10.66 -8.75
C VAL A 214 -17.41 11.77 -9.67
N GLU A 215 -16.50 12.56 -10.24
CA GLU A 215 -16.92 13.57 -11.22
C GLU A 215 -17.55 12.91 -12.44
N ALA A 216 -17.12 11.70 -12.80
CA ALA A 216 -17.75 10.99 -13.92
C ALA A 216 -19.10 10.39 -13.55
N GLY A 217 -19.51 10.43 -12.28
CA GLY A 217 -20.83 10.00 -11.87
C GLY A 217 -20.92 8.65 -11.19
N TYR A 218 -19.80 7.99 -10.88
CA TYR A 218 -19.83 6.66 -10.26
C TYR A 218 -20.10 6.77 -8.76
N GLN A 219 -20.57 5.67 -8.17
CA GLN A 219 -20.82 5.63 -6.73
C GLN A 219 -19.53 5.91 -5.97
N PRO A 220 -19.53 6.85 -5.02
CA PRO A 220 -18.30 7.14 -4.27
C PRO A 220 -17.78 5.97 -3.46
N GLU A 221 -18.63 5.04 -3.02
CA GLU A 221 -18.12 3.86 -2.33
C GLU A 221 -17.34 2.95 -3.27
N LEU A 222 -17.78 2.82 -4.52
CA LEU A 222 -17.01 2.06 -5.50
C LEU A 222 -15.68 2.73 -5.81
N ALA A 223 -15.69 4.06 -5.94
CA ALA A 223 -14.44 4.80 -6.13
C ALA A 223 -13.45 4.53 -4.99
N TYR A 224 -13.94 4.51 -3.75
CA TYR A 224 -13.07 4.26 -2.61
C TYR A 224 -12.45 2.87 -2.67
N PHE A 225 -13.24 1.86 -3.03
CA PHE A 225 -12.69 0.50 -3.13
C PHE A 225 -11.59 0.41 -4.18
N GLU A 226 -11.81 1.00 -5.36
CA GLU A 226 -10.81 0.88 -6.42
C GLU A 226 -9.56 1.69 -6.12
N VAL A 227 -9.71 2.83 -5.45
CA VAL A 227 -8.63 3.81 -5.37
C VAL A 227 -7.81 3.64 -4.11
N LEU A 228 -8.40 3.21 -2.99
CA LEU A 228 -7.62 3.13 -1.77
C LEU A 228 -7.64 1.77 -1.11
N HIS A 229 -8.79 1.11 -1.05
CA HIS A 229 -8.87 -0.24 -0.49
C HIS A 229 -8.03 -1.23 -1.32
N GLU A 230 -8.24 -1.26 -2.64
CA GLU A 230 -7.41 -2.14 -3.48
C GLU A 230 -5.95 -1.69 -3.48
N MET A 231 -5.69 -0.43 -3.16
CA MET A 231 -4.33 0.07 -3.06
C MET A 231 -3.55 -0.67 -1.99
N LYS A 232 -4.15 -0.83 -0.81
CA LYS A 232 -3.54 -1.63 0.24
C LYS A 232 -3.21 -3.05 -0.23
N LEU A 233 -4.10 -3.65 -1.03
CA LEU A 233 -3.88 -5.02 -1.45
C LEU A 233 -2.75 -5.13 -2.49
N ILE A 234 -2.65 -4.17 -3.40
CA ILE A 234 -1.61 -4.29 -4.42
C ILE A 234 -0.23 -3.98 -3.81
N VAL A 235 -0.17 -3.02 -2.88
CA VAL A 235 1.11 -2.69 -2.26
C VAL A 235 1.58 -3.81 -1.34
N ASP A 236 0.65 -4.50 -0.66
CA ASP A 236 1.03 -5.68 0.11
C ASP A 236 1.68 -6.73 -0.77
N LEU A 237 1.18 -6.90 -2.00
CA LEU A 237 1.78 -7.88 -2.92
C LEU A 237 3.20 -7.47 -3.29
N MET A 238 3.43 -6.18 -3.56
CA MET A 238 4.79 -5.74 -3.90
C MET A 238 5.73 -5.92 -2.72
N TYR A 239 5.25 -5.57 -1.52
CA TYR A 239 6.02 -5.69 -0.29
C TYR A 239 6.45 -7.12 -0.03
N GLU A 240 5.59 -8.08 -0.34
CA GLU A 240 5.86 -9.50 -0.08
C GLU A 240 6.69 -10.14 -1.19
N GLY A 241 6.50 -9.74 -2.44
CA GLY A 241 7.12 -10.49 -3.53
C GLY A 241 7.54 -9.69 -4.74
N GLY A 242 7.55 -8.36 -4.65
CA GLY A 242 7.96 -7.55 -5.79
C GLY A 242 6.88 -7.52 -6.87
N MET A 243 7.25 -6.87 -7.98
CA MET A 243 6.31 -6.71 -9.10
C MET A 243 5.93 -8.03 -9.72
N GLU A 244 6.78 -9.07 -9.67
CA GLU A 244 6.35 -10.35 -10.20
C GLU A 244 5.21 -10.95 -9.39
N ASN A 245 5.19 -10.71 -8.07
CA ASN A 245 4.08 -11.21 -7.27
C ASN A 245 2.78 -10.51 -7.63
N VAL A 246 2.87 -9.26 -8.08
CA VAL A 246 1.69 -8.55 -8.56
C VAL A 246 1.15 -9.22 -9.81
N ARG A 247 2.00 -9.49 -10.80
CA ARG A 247 1.53 -10.07 -12.05
C ARG A 247 0.94 -11.45 -11.86
N TYR A 248 1.49 -12.23 -10.92
CA TYR A 248 0.92 -13.54 -10.65
C TYR A 248 -0.47 -13.47 -10.03
N SER A 249 -0.84 -12.33 -9.44
CA SER A 249 -2.11 -12.26 -8.73
C SER A 249 -3.21 -11.56 -9.51
N ILE A 250 -2.86 -10.71 -10.47
CA ILE A 250 -3.83 -9.90 -11.20
C ILE A 250 -4.19 -10.61 -12.50
N SER A 251 -5.27 -10.15 -13.15
CA SER A 251 -5.65 -10.72 -14.43
C SER A 251 -4.78 -10.15 -15.55
N ASN A 252 -4.81 -10.84 -16.70
CA ASN A 252 -4.16 -10.33 -17.90
C ASN A 252 -4.73 -8.97 -18.30
N THR A 253 -6.04 -8.77 -18.10
CA THR A 253 -6.66 -7.49 -18.39
C THR A 253 -5.99 -6.37 -17.61
N ALA A 254 -5.77 -6.58 -16.30
CA ALA A 254 -5.15 -5.56 -15.47
C ALA A 254 -3.70 -5.34 -15.85
N GLU A 255 -2.97 -6.42 -16.15
CA GLU A 255 -1.57 -6.30 -16.54
C GLU A 255 -1.42 -5.53 -17.86
N PHE A 256 -2.22 -5.89 -18.87
CA PHE A 256 -2.22 -5.15 -20.14
C PHE A 256 -2.59 -3.69 -19.92
N GLY A 257 -3.59 -3.44 -19.07
CA GLY A 257 -4.00 -2.05 -18.82
C GLY A 257 -2.90 -1.22 -18.20
N ASP A 258 -2.20 -1.79 -17.22
CA ASP A 258 -1.02 -1.12 -16.67
C ASP A 258 -0.07 -0.70 -17.79
N TYR A 259 0.32 -1.64 -18.65
CA TYR A 259 1.30 -1.35 -19.70
C TYR A 259 0.81 -0.28 -20.67
N VAL A 260 -0.48 -0.29 -21.05
CA VAL A 260 -0.91 0.68 -22.06
C VAL A 260 -1.38 2.02 -21.48
N SER A 261 -1.81 2.08 -20.22
CA SER A 261 -2.37 3.30 -19.63
C SER A 261 -1.52 3.91 -18.54
N GLY A 262 -0.77 3.10 -17.82
CA GLY A 262 0.18 3.60 -16.85
C GLY A 262 1.03 4.74 -17.37
N PRO A 263 1.71 4.54 -18.50
CA PRO A 263 2.54 5.63 -19.04
C PRO A 263 1.76 6.87 -19.42
N ARG A 264 0.45 6.77 -19.61
CA ARG A 264 -0.35 7.95 -19.89
C ARG A 264 -0.59 8.78 -18.62
N VAL A 265 -0.55 8.16 -17.45
CA VAL A 265 -0.88 8.83 -16.19
C VAL A 265 0.40 9.31 -15.52
N ILE A 266 1.32 8.40 -15.25
CA ILE A 266 2.65 8.74 -14.73
C ILE A 266 3.56 8.89 -15.95
N THR A 267 3.62 10.11 -16.48
CA THR A 267 4.34 10.41 -17.70
C THR A 267 5.80 10.76 -17.39
N PRO A 268 6.63 10.93 -18.41
CA PRO A 268 7.97 11.48 -18.15
C PRO A 268 7.96 12.85 -17.48
N ASP A 269 6.88 13.61 -17.64
CA ASP A 269 6.77 14.89 -16.94
C ASP A 269 6.74 14.68 -15.42
N VAL A 270 6.12 13.60 -14.96
CA VAL A 270 6.02 13.36 -13.52
C VAL A 270 7.40 13.04 -12.94
N LYS A 271 8.22 12.30 -13.70
CA LYS A 271 9.57 12.03 -13.23
C LYS A 271 10.42 13.29 -13.22
N GLU A 272 10.25 14.16 -14.23
CA GLU A 272 10.98 15.42 -14.24
C GLU A 272 10.58 16.31 -13.06
N ASN A 273 9.29 16.32 -12.71
CA ASN A 273 8.83 17.04 -11.52
C ASN A 273 9.51 16.53 -10.26
N MET A 274 9.67 15.21 -10.15
CA MET A 274 10.36 14.62 -9.00
C MET A 274 11.79 15.12 -8.90
N LYS A 275 12.50 15.19 -10.04
CA LYS A 275 13.85 15.76 -10.07
C LYS A 275 13.87 17.19 -9.52
N ALA A 276 12.91 18.01 -9.92
CA ALA A 276 12.84 19.38 -9.43
C ALA A 276 12.63 19.43 -7.91
N VAL A 277 11.84 18.51 -7.37
CA VAL A 277 11.62 18.47 -5.93
C VAL A 277 12.90 18.06 -5.22
N LEU A 278 13.59 17.04 -5.73
CA LEU A 278 14.87 16.62 -5.17
C LEU A 278 15.88 17.76 -5.22
N THR A 279 15.88 18.53 -6.31
CA THR A 279 16.82 19.64 -6.45
C THR A 279 16.60 20.68 -5.37
N ASP A 280 15.33 21.02 -5.10
CA ASP A 280 15.03 22.00 -4.05
C ASP A 280 15.34 21.46 -2.65
N ILE A 281 15.45 20.15 -2.51
CA ILE A 281 15.94 19.57 -1.27
C ILE A 281 17.46 19.72 -1.16
N GLN A 282 18.17 19.41 -2.25
CA GLN A 282 19.64 19.42 -2.20
C GLN A 282 20.20 20.83 -2.05
N ASN A 283 19.59 21.82 -2.71
CA ASN A 283 20.17 23.15 -2.70
C ASN A 283 19.79 23.98 -1.48
N GLY A 284 18.99 23.44 -0.56
CA GLY A 284 18.61 24.18 0.63
C GLY A 284 17.32 24.97 0.52
N ASN A 285 16.66 24.98 -0.64
CA ASN A 285 15.42 25.75 -0.77
C ASN A 285 14.33 25.22 0.14
N PHE A 286 14.14 23.89 0.21
CA PHE A 286 13.06 23.37 1.05
C PHE A 286 13.32 23.67 2.52
N SER A 287 14.52 23.34 3.02
CA SER A 287 14.80 23.50 4.44
C SER A 287 14.70 24.97 4.85
N ASN A 288 15.22 25.89 4.02
N ASN A 288 15.21 25.88 4.02
CA ASN A 288 15.09 27.31 4.32
CA ASN A 288 15.08 27.31 4.33
C ASN A 288 13.63 27.73 4.41
C ASN A 288 13.63 27.75 4.40
N ARG A 289 12.80 27.27 3.47
CA ARG A 289 11.38 27.62 3.50
C ARG A 289 10.68 27.06 4.74
N PHE A 290 11.04 25.84 5.15
CA PHE A 290 10.42 25.23 6.32
C PHE A 290 10.86 25.94 7.59
N ILE A 291 12.16 26.21 7.74
CA ILE A 291 12.69 26.85 8.94
C ILE A 291 12.18 28.27 9.06
N GLU A 292 12.21 29.03 7.97
CA GLU A 292 11.75 30.42 8.08
C GLU A 292 10.25 30.50 8.32
N ASP A 293 9.47 29.53 7.83
CA ASP A 293 8.06 29.54 8.16
C ASP A 293 7.82 29.23 9.64
N ASN A 294 8.69 28.40 10.24
CA ASN A 294 8.57 28.13 11.68
C ASN A 294 8.86 29.40 12.49
N LYS A 295 9.89 30.15 12.10
CA LYS A 295 10.19 31.40 12.78
C LYS A 295 9.05 32.40 12.64
N ASN A 296 8.23 32.26 11.59
CA ASN A 296 7.06 33.10 11.37
C ASN A 296 5.78 32.46 11.93
N GLY A 297 5.89 31.56 12.89
CA GLY A 297 4.69 31.00 13.48
C GLY A 297 3.96 29.97 12.63
N PHE A 298 4.64 29.39 11.63
CA PHE A 298 4.05 28.35 10.77
C PHE A 298 2.80 28.86 10.04
N LYS A 299 2.78 30.14 9.68
CA LYS A 299 1.62 30.70 9.01
C LYS A 299 1.32 29.96 7.71
N GLU A 300 2.35 29.69 6.90
CA GLU A 300 2.13 28.99 5.64
C GLU A 300 1.76 27.53 5.86
N PHE A 301 2.45 26.87 6.79
CA PHE A 301 2.15 25.48 7.12
C PHE A 301 0.69 25.32 7.53
N TYR A 302 0.24 26.12 8.51
CA TYR A 302 -1.13 25.95 8.99
C TYR A 302 -2.16 26.35 7.93
N LYS A 303 -1.86 27.36 7.11
CA LYS A 303 -2.77 27.71 6.04
C LYS A 303 -2.92 26.55 5.05
N LEU A 304 -1.79 25.96 4.65
CA LEU A 304 -1.84 24.85 3.71
C LEU A 304 -2.56 23.65 4.31
N ARG A 305 -2.39 23.41 5.61
CA ARG A 305 -3.12 22.31 6.25
C ARG A 305 -4.63 22.53 6.14
N GLU A 306 -5.08 23.77 6.33
CA GLU A 306 -6.50 24.08 6.26
C GLU A 306 -7.03 23.89 4.83
N GLU A 307 -6.27 24.36 3.84
CA GLU A 307 -6.68 24.25 2.44
C GLU A 307 -6.73 22.80 1.95
N GLN A 308 -5.96 21.90 2.56
CA GLN A 308 -5.91 20.51 2.12
C GLN A 308 -6.78 19.57 2.95
N HIS A 309 -7.57 20.10 3.87
CA HIS A 309 -8.39 19.28 4.76
C HIS A 309 -9.81 19.16 4.21
N GLY A 310 -10.47 18.05 4.54
CA GLY A 310 -11.87 17.88 4.23
C GLY A 310 -12.18 17.31 2.85
N HIS A 311 -11.22 16.61 2.23
CA HIS A 311 -11.48 15.98 0.94
C HIS A 311 -12.58 14.92 1.07
N GLN A 312 -13.48 14.88 0.07
CA GLN A 312 -14.62 13.97 0.08
C GLN A 312 -14.22 12.52 0.33
N ILE A 313 -13.02 12.09 -0.11
CA ILE A 313 -12.64 10.70 0.08
C ILE A 313 -12.58 10.35 1.57
N GLU A 314 -12.26 11.32 2.42
CA GLU A 314 -12.13 11.03 3.84
C GLU A 314 -13.49 10.74 4.46
N LYS A 315 -14.55 11.41 3.99
CA LYS A 315 -15.90 11.10 4.47
C LYS A 315 -16.33 9.69 4.05
N VAL A 316 -16.07 9.32 2.79
CA VAL A 316 -16.44 7.98 2.35
C VAL A 316 -15.67 6.93 3.14
N GLY A 317 -14.39 7.19 3.40
CA GLY A 317 -13.61 6.27 4.21
C GLY A 317 -14.19 6.05 5.60
N ARG A 318 -14.59 7.13 6.26
CA ARG A 318 -15.18 7.00 7.60
C ARG A 318 -16.46 6.19 7.55
N GLU A 319 -17.31 6.43 6.54
CA GLU A 319 -18.55 5.67 6.40
C GLU A 319 -18.26 4.19 6.16
N LEU A 320 -17.32 3.89 5.26
CA LEU A 320 -17.06 2.50 4.93
C LEU A 320 -16.41 1.75 6.09
N ARG A 321 -15.52 2.42 6.84
CA ARG A 321 -14.90 1.77 8.00
C ARG A 321 -15.94 1.33 9.01
N GLU A 322 -17.08 2.03 9.06
N GLU A 322 -17.08 2.03 9.06
CA GLU A 322 -18.17 1.61 9.94
CA GLU A 322 -18.16 1.59 9.94
C GLU A 322 -19.00 0.50 9.30
C GLU A 322 -19.00 0.49 9.30
N MET A 323 -19.23 0.58 7.99
CA MET A 323 -20.09 -0.39 7.32
C MET A 323 -19.44 -1.76 7.18
N MET A 324 -18.11 -1.81 7.08
CA MET A 324 -17.37 -3.04 6.87
C MET A 324 -16.20 -3.04 7.84
N PRO A 325 -16.44 -3.40 9.11
CA PRO A 325 -15.41 -3.25 10.16
C PRO A 325 -14.47 -4.46 10.28
N PHE A 326 -13.54 -4.58 9.34
CA PHE A 326 -12.33 -5.32 9.63
C PHE A 326 -11.41 -4.37 10.36
N ILE A 327 -10.75 -3.50 9.60
CA ILE A 327 -9.99 -2.40 10.16
C ILE A 327 -10.22 -1.16 9.31
N THR B 2 -24.68 2.98 -0.52
CA THR B 2 -25.12 3.15 0.87
C THR B 2 -25.77 1.90 1.45
N THR B 3 -26.50 1.14 0.62
CA THR B 3 -27.16 -0.09 1.06
C THR B 3 -26.19 -1.27 0.93
N VAL B 4 -25.84 -1.89 2.04
CA VAL B 4 -24.95 -3.05 2.08
C VAL B 4 -25.75 -4.27 2.51
N TYR B 5 -25.56 -5.40 1.82
CA TYR B 5 -26.21 -6.67 2.13
C TYR B 5 -25.25 -7.57 2.90
N TYR B 6 -25.68 -8.05 4.07
CA TYR B 6 -24.87 -8.97 4.86
C TYR B 6 -25.50 -10.38 4.84
N ASP B 7 -24.90 -11.29 5.60
CA ASP B 7 -25.44 -12.65 5.68
C ASP B 7 -26.90 -12.63 6.13
N GLN B 8 -27.22 -11.77 7.09
CA GLN B 8 -28.54 -11.72 7.70
C GLN B 8 -29.60 -11.25 6.72
N ASP B 9 -29.20 -10.58 5.64
CA ASP B 9 -30.16 -10.02 4.69
C ASP B 9 -30.54 -10.98 3.58
N VAL B 10 -29.83 -12.10 3.44
CA VAL B 10 -30.15 -13.09 2.41
C VAL B 10 -31.05 -14.12 3.09
N LYS B 11 -32.36 -13.86 3.01
CA LYS B 11 -33.32 -14.68 3.75
C LYS B 11 -33.43 -16.08 3.15
N THR B 12 -33.65 -16.17 1.85
CA THR B 12 -33.84 -17.46 1.20
C THR B 12 -32.59 -17.87 0.43
N ASP B 13 -32.37 -19.19 0.35
CA ASP B 13 -31.22 -19.74 -0.37
C ASP B 13 -31.64 -20.13 -1.78
N ALA B 14 -31.52 -19.17 -2.70
CA ALA B 14 -31.90 -19.39 -4.10
C ALA B 14 -30.93 -20.32 -4.82
N LEU B 15 -29.83 -20.71 -4.19
CA LEU B 15 -28.85 -21.59 -4.81
C LEU B 15 -29.06 -23.05 -4.43
N GLN B 16 -29.88 -23.31 -3.42
CA GLN B 16 -30.13 -24.67 -2.97
C GLN B 16 -30.76 -25.50 -4.08
N GLY B 17 -30.23 -26.70 -4.28
CA GLY B 17 -30.71 -27.58 -5.32
C GLY B 17 -30.17 -27.30 -6.70
N LYS B 18 -29.18 -26.40 -6.84
CA LYS B 18 -28.63 -26.05 -8.14
C LYS B 18 -27.19 -26.54 -8.26
N LYS B 19 -26.82 -26.99 -9.46
CA LYS B 19 -25.44 -27.36 -9.73
C LYS B 19 -24.70 -26.16 -10.31
N ILE B 20 -23.57 -25.82 -9.70
CA ILE B 20 -22.75 -24.69 -10.13
C ILE B 20 -21.58 -25.20 -10.95
N ALA B 21 -21.37 -24.61 -12.12
CA ALA B 21 -20.17 -24.86 -12.91
C ALA B 21 -19.26 -23.66 -12.80
N VAL B 22 -18.03 -23.88 -12.35
CA VAL B 22 -17.01 -22.85 -12.34
C VAL B 22 -16.12 -23.15 -13.55
N VAL B 23 -16.23 -22.32 -14.58
CA VAL B 23 -15.46 -22.48 -15.81
C VAL B 23 -14.13 -21.76 -15.63
N GLY B 24 -13.06 -22.52 -15.60
CA GLY B 24 -11.75 -21.96 -15.26
C GLY B 24 -11.42 -22.18 -13.79
N TYR B 25 -10.14 -22.33 -13.52
CA TYR B 25 -9.65 -22.64 -12.18
C TYR B 25 -8.36 -21.89 -11.90
N GLY B 26 -8.36 -20.58 -12.14
CA GLY B 26 -7.20 -19.73 -11.91
C GLY B 26 -7.32 -18.91 -10.64
N SER B 27 -6.89 -17.65 -10.73
CA SER B 27 -6.86 -16.76 -9.56
C SER B 27 -8.22 -16.68 -8.87
N GLN B 28 -9.26 -16.36 -9.63
CA GLN B 28 -10.60 -16.31 -9.05
C GLN B 28 -11.28 -17.67 -9.04
N GLY B 29 -11.05 -18.49 -10.07
CA GLY B 29 -11.79 -19.75 -10.18
C GLY B 29 -11.58 -20.67 -9.00
N HIS B 30 -10.30 -20.89 -8.61
CA HIS B 30 -10.04 -21.78 -7.48
C HIS B 30 -10.68 -21.25 -6.19
N ALA B 31 -10.71 -19.94 -6.00
CA ALA B 31 -11.27 -19.38 -4.78
C ALA B 31 -12.78 -19.53 -4.74
N HIS B 32 -13.47 -19.15 -5.83
CA HIS B 32 -14.92 -19.28 -5.87
C HIS B 32 -15.33 -20.74 -5.67
N ALA B 33 -14.64 -21.66 -6.36
CA ALA B 33 -15.04 -23.06 -6.30
C ALA B 33 -14.79 -23.65 -4.92
N GLN B 34 -13.67 -23.30 -4.28
CA GLN B 34 -13.37 -23.91 -2.98
C GLN B 34 -14.28 -23.37 -1.89
N ASN B 35 -14.51 -22.05 -1.86
CA ASN B 35 -15.43 -21.50 -0.88
C ASN B 35 -16.82 -22.08 -1.04
N LEU B 36 -17.29 -22.21 -2.29
CA LEU B 36 -18.62 -22.75 -2.53
C LEU B 36 -18.73 -24.18 -2.00
N LYS B 37 -17.72 -25.01 -2.28
CA LYS B 37 -17.76 -26.40 -1.82
C LYS B 37 -17.64 -26.49 -0.30
N ASP B 38 -16.84 -25.62 0.31
CA ASP B 38 -16.78 -25.58 1.78
C ASP B 38 -18.12 -25.21 2.38
N ASN B 39 -18.91 -24.39 1.69
CA ASN B 39 -20.25 -24.08 2.17
C ASN B 39 -21.27 -25.14 1.78
N GLY B 40 -20.83 -26.27 1.24
CA GLY B 40 -21.71 -27.38 0.96
C GLY B 40 -22.54 -27.26 -0.28
N TYR B 41 -22.02 -26.62 -1.33
CA TYR B 41 -22.71 -26.52 -2.61
C TYR B 41 -22.16 -27.55 -3.60
N ASP B 42 -22.97 -27.90 -4.58
CA ASP B 42 -22.58 -28.87 -5.59
C ASP B 42 -21.86 -28.12 -6.71
N VAL B 43 -20.53 -28.17 -6.69
CA VAL B 43 -19.70 -27.40 -7.59
C VAL B 43 -18.94 -28.34 -8.51
N VAL B 44 -18.89 -27.98 -9.78
CA VAL B 44 -18.22 -28.75 -10.81
C VAL B 44 -17.29 -27.80 -11.57
N ILE B 45 -16.15 -28.30 -12.03
CA ILE B 45 -15.16 -27.49 -12.73
C ILE B 45 -15.21 -27.79 -14.23
N GLY B 46 -15.39 -26.74 -15.04
CA GLY B 46 -15.23 -26.84 -16.47
C GLY B 46 -13.89 -26.25 -16.87
N ILE B 47 -13.06 -27.06 -17.51
CA ILE B 47 -11.69 -26.64 -17.79
C ILE B 47 -11.11 -27.57 -18.84
N ARG B 48 -10.16 -27.04 -19.64
CA ARG B 48 -9.38 -27.79 -20.61
C ARG B 48 -8.28 -28.60 -19.92
N PRO B 49 -7.71 -29.58 -20.61
CA PRO B 49 -6.58 -30.32 -20.02
C PRO B 49 -5.37 -29.41 -19.83
N GLY B 50 -4.66 -29.64 -18.73
CA GLY B 50 -3.43 -28.90 -18.46
C GLY B 50 -3.15 -28.85 -16.97
N ARG B 51 -2.52 -27.74 -16.55
CA ARG B 51 -2.13 -27.60 -15.15
C ARG B 51 -3.35 -27.33 -14.26
N SER B 52 -4.28 -26.47 -14.69
CA SER B 52 -5.45 -26.19 -13.88
C SER B 52 -6.34 -27.43 -13.75
N PHE B 53 -6.45 -28.23 -14.81
CA PHE B 53 -7.18 -29.49 -14.75
C PHE B 53 -6.66 -30.36 -13.60
N ASP B 54 -5.34 -30.61 -13.58
CA ASP B 54 -4.79 -31.50 -12.57
C ASP B 54 -4.92 -30.92 -11.16
N LYS B 55 -4.66 -29.62 -11.02
CA LYS B 55 -4.82 -28.98 -9.71
C LYS B 55 -6.26 -29.09 -9.21
N ALA B 56 -7.24 -28.98 -10.10
CA ALA B 56 -8.64 -29.05 -9.69
C ALA B 56 -9.02 -30.44 -9.22
N LYS B 57 -8.58 -31.49 -9.92
CA LYS B 57 -8.88 -32.85 -9.45
C LYS B 57 -8.13 -33.17 -8.16
N GLU B 58 -6.92 -32.63 -7.99
CA GLU B 58 -6.22 -32.79 -6.72
C GLU B 58 -7.00 -32.18 -5.56
N ASP B 59 -7.70 -31.08 -5.83
CA ASP B 59 -8.43 -30.37 -4.78
C ASP B 59 -9.81 -31.00 -4.49
N GLY B 60 -10.13 -32.12 -5.12
CA GLY B 60 -11.35 -32.84 -4.80
C GLY B 60 -12.57 -32.47 -5.61
N PHE B 61 -12.40 -31.87 -6.78
CA PHE B 61 -13.54 -31.48 -7.60
C PHE B 61 -13.78 -32.52 -8.69
N ASP B 62 -15.04 -32.62 -9.11
CA ASP B 62 -15.37 -33.32 -10.35
C ASP B 62 -15.09 -32.37 -11.51
N VAL B 63 -14.28 -32.81 -12.47
CA VAL B 63 -13.71 -31.94 -13.50
C VAL B 63 -14.13 -32.46 -14.87
N PHE B 64 -14.71 -31.58 -15.69
CA PHE B 64 -15.23 -31.88 -17.02
C PHE B 64 -14.73 -30.87 -18.04
N PRO B 65 -14.73 -31.22 -19.32
CA PRO B 65 -14.60 -30.20 -20.36
C PRO B 65 -15.69 -29.15 -20.19
N VAL B 66 -15.41 -27.95 -20.71
CA VAL B 66 -16.30 -26.83 -20.49
C VAL B 66 -17.72 -27.17 -20.94
N ALA B 67 -17.86 -27.71 -22.14
CA ALA B 67 -19.19 -27.94 -22.69
C ALA B 67 -20.00 -28.93 -21.84
N GLU B 68 -19.33 -29.96 -21.29
CA GLU B 68 -20.06 -30.92 -20.48
C GLU B 68 -20.45 -30.32 -19.13
N ALA B 69 -19.59 -29.46 -18.57
CA ALA B 69 -19.96 -28.84 -17.30
C ALA B 69 -21.13 -27.89 -17.47
N VAL B 70 -21.21 -27.22 -18.62
CA VAL B 70 -22.33 -26.30 -18.87
C VAL B 70 -23.63 -27.09 -19.01
N LYS B 71 -23.60 -28.23 -19.71
CA LYS B 71 -24.80 -29.06 -19.84
C LYS B 71 -25.37 -29.46 -18.48
N GLN B 72 -24.49 -29.87 -17.57
CA GLN B 72 -24.91 -30.36 -16.26
C GLN B 72 -25.44 -29.23 -15.36
N ALA B 73 -24.94 -28.02 -15.52
CA ALA B 73 -25.11 -26.98 -14.51
C ALA B 73 -26.35 -26.13 -14.72
N ASP B 74 -26.84 -25.57 -13.61
CA ASP B 74 -27.86 -24.52 -13.62
C ASP B 74 -27.28 -23.11 -13.54
N VAL B 75 -26.11 -22.96 -12.91
CA VAL B 75 -25.42 -21.67 -12.78
C VAL B 75 -24.01 -21.87 -13.33
N ILE B 76 -23.62 -21.05 -14.31
CA ILE B 76 -22.35 -21.18 -14.99
C ILE B 76 -21.55 -19.91 -14.71
N MET B 77 -20.49 -20.04 -13.91
CA MET B 77 -19.67 -18.93 -13.48
C MET B 77 -18.42 -18.92 -14.36
N VAL B 78 -18.33 -17.94 -15.25
CA VAL B 78 -17.26 -17.88 -16.25
C VAL B 78 -16.07 -17.16 -15.62
N LEU B 79 -15.02 -17.92 -15.30
CA LEU B 79 -13.82 -17.38 -14.68
C LEU B 79 -12.59 -17.66 -15.55
N LEU B 80 -12.75 -17.49 -16.86
CA LEU B 80 -11.65 -17.52 -17.83
C LEU B 80 -11.03 -16.15 -17.95
N PRO B 81 -9.83 -16.06 -18.54
CA PRO B 81 -9.30 -14.73 -18.88
C PRO B 81 -10.27 -14.00 -19.79
N ASP B 82 -10.39 -12.68 -19.58
CA ASP B 82 -11.40 -11.89 -20.29
C ASP B 82 -11.19 -11.96 -21.81
N GLU B 83 -9.95 -12.08 -22.27
CA GLU B 83 -9.70 -12.13 -23.72
C GLU B 83 -10.14 -13.46 -24.33
N ILE B 84 -10.25 -14.51 -23.51
CA ILE B 84 -10.63 -15.85 -23.98
C ILE B 84 -12.14 -16.06 -23.99
N GLN B 85 -12.88 -15.33 -23.15
CA GLN B 85 -14.28 -15.66 -22.91
C GLN B 85 -15.12 -15.58 -24.20
N GLY B 86 -14.78 -14.66 -25.09
CA GLY B 86 -15.59 -14.49 -26.30
C GLY B 86 -15.70 -15.76 -27.11
N ASP B 87 -14.57 -16.37 -27.44
CA ASP B 87 -14.59 -17.54 -28.33
C ASP B 87 -15.02 -18.80 -27.62
N VAL B 88 -14.61 -18.98 -26.35
CA VAL B 88 -15.05 -20.12 -25.58
C VAL B 88 -16.56 -20.11 -25.41
N TYR B 89 -17.14 -18.93 -25.18
CA TYR B 89 -18.59 -18.85 -25.06
C TYR B 89 -19.28 -19.32 -26.35
N LYS B 90 -18.85 -18.82 -27.52
CA LYS B 90 -19.52 -19.20 -28.75
C LYS B 90 -19.38 -20.69 -29.05
N ASN B 91 -18.25 -21.29 -28.71
CA ASN B 91 -18.00 -22.66 -29.14
C ASN B 91 -18.44 -23.70 -28.11
N GLU B 92 -18.31 -23.40 -26.81
CA GLU B 92 -18.53 -24.40 -25.77
C GLU B 92 -19.71 -24.11 -24.85
N ILE B 93 -20.05 -22.85 -24.63
CA ILE B 93 -21.07 -22.51 -23.63
C ILE B 93 -22.42 -22.29 -24.28
N GLU B 94 -22.52 -21.37 -25.24
CA GLU B 94 -23.81 -21.06 -25.85
C GLU B 94 -24.53 -22.28 -26.43
N PRO B 95 -23.89 -23.22 -27.12
CA PRO B 95 -24.66 -24.38 -27.64
C PRO B 95 -25.25 -25.26 -26.55
N ASN B 96 -24.75 -25.18 -25.32
CA ASN B 96 -25.15 -26.07 -24.24
C ASN B 96 -26.01 -25.39 -23.18
N LEU B 97 -26.40 -24.14 -23.41
CA LEU B 97 -27.24 -23.42 -22.46
C LEU B 97 -28.69 -23.85 -22.59
N GLU B 98 -29.38 -23.91 -21.46
CA GLU B 98 -30.81 -24.20 -21.41
C GLU B 98 -31.55 -22.99 -20.85
N LYS B 99 -32.83 -22.89 -21.18
CA LYS B 99 -33.64 -21.77 -20.71
C LYS B 99 -33.66 -21.73 -19.18
N HIS B 100 -33.58 -20.51 -18.65
CA HIS B 100 -33.53 -20.18 -17.22
C HIS B 100 -32.28 -20.71 -16.53
N ASN B 101 -31.27 -21.11 -17.29
CA ASN B 101 -29.94 -21.17 -16.72
C ASN B 101 -29.49 -19.76 -16.30
N ALA B 102 -28.41 -19.71 -15.53
CA ALA B 102 -27.82 -18.47 -15.04
C ALA B 102 -26.37 -18.40 -15.50
N LEU B 103 -26.02 -17.30 -16.17
CA LEU B 103 -24.66 -17.03 -16.64
C LEU B 103 -24.07 -15.93 -15.76
N ALA B 104 -22.93 -16.20 -15.14
CA ALA B 104 -22.38 -15.35 -14.09
C ALA B 104 -20.93 -15.02 -14.38
N PHE B 105 -20.51 -13.84 -13.93
CA PHE B 105 -19.17 -13.32 -14.17
C PHE B 105 -18.63 -12.71 -12.89
N ALA B 106 -17.30 -12.57 -12.82
CA ALA B 106 -16.64 -11.80 -11.76
C ALA B 106 -16.14 -10.45 -12.26
N HIS B 107 -16.44 -10.11 -13.52
CA HIS B 107 -16.03 -8.87 -14.16
C HIS B 107 -16.97 -8.66 -15.36
N GLY B 108 -17.59 -7.48 -15.45
CA GLY B 108 -18.57 -7.26 -16.49
C GLY B 108 -18.06 -7.02 -17.90
N PHE B 109 -16.74 -7.20 -18.14
CA PHE B 109 -16.07 -6.84 -19.40
C PHE B 109 -16.79 -7.41 -20.63
N ASN B 110 -16.95 -8.74 -20.68
CA ASN B 110 -17.43 -9.33 -21.92
C ASN B 110 -18.91 -9.05 -22.15
N ILE B 111 -19.70 -8.92 -21.09
CA ILE B 111 -21.12 -8.60 -21.24
C ILE B 111 -21.31 -7.11 -21.56
N HIS B 112 -20.59 -6.24 -20.86
CA HIS B 112 -20.83 -4.81 -21.03
C HIS B 112 -20.50 -4.35 -22.44
N PHE B 113 -19.35 -4.78 -22.96
CA PHE B 113 -18.94 -4.39 -24.30
C PHE B 113 -19.54 -5.28 -25.37
N GLY B 114 -20.39 -6.23 -25.01
CA GLY B 114 -21.09 -7.02 -26.01
C GLY B 114 -20.23 -7.99 -26.78
N VAL B 115 -19.05 -8.37 -26.25
CA VAL B 115 -18.34 -9.54 -26.76
C VAL B 115 -19.17 -10.80 -26.54
N ILE B 116 -19.88 -10.87 -25.42
CA ILE B 116 -20.83 -11.94 -25.16
C ILE B 116 -22.22 -11.31 -25.17
N GLN B 117 -23.09 -11.85 -26.01
CA GLN B 117 -24.50 -11.44 -26.09
C GLN B 117 -25.38 -12.63 -25.75
N PRO B 118 -25.84 -12.73 -24.51
CA PRO B 118 -26.53 -13.95 -24.06
C PRO B 118 -27.92 -14.05 -24.66
N PRO B 119 -28.50 -15.24 -24.67
CA PRO B 119 -29.91 -15.37 -25.05
C PRO B 119 -30.80 -14.64 -24.05
N ALA B 120 -31.97 -14.22 -24.55
CA ALA B 120 -32.90 -13.46 -23.72
C ALA B 120 -33.52 -14.29 -22.59
N ASP B 121 -33.42 -15.62 -22.64
CA ASP B 121 -34.10 -16.49 -21.68
C ASP B 121 -33.17 -17.11 -20.65
N VAL B 122 -32.04 -16.44 -20.35
CA VAL B 122 -31.15 -16.87 -19.28
C VAL B 122 -30.88 -15.68 -18.36
N ASP B 123 -30.62 -15.98 -17.08
CA ASP B 123 -30.25 -14.93 -16.14
C ASP B 123 -28.77 -14.58 -16.31
N VAL B 124 -28.43 -13.31 -16.07
CA VAL B 124 -27.06 -12.84 -16.21
C VAL B 124 -26.77 -11.96 -15.00
N PHE B 125 -25.80 -12.36 -14.18
CA PHE B 125 -25.41 -11.54 -13.05
C PHE B 125 -23.89 -11.54 -12.89
N LEU B 126 -23.40 -10.65 -12.04
CA LEU B 126 -22.00 -10.65 -11.67
C LEU B 126 -21.86 -10.60 -10.16
N VAL B 127 -20.83 -11.27 -9.67
CA VAL B 127 -20.35 -11.12 -8.31
C VAL B 127 -18.85 -10.85 -8.43
N ALA B 128 -18.44 -9.62 -8.12
CA ALA B 128 -17.08 -9.15 -8.40
C ALA B 128 -16.36 -8.85 -7.09
N PRO B 129 -15.47 -9.74 -6.63
CA PRO B 129 -14.67 -9.42 -5.44
C PRO B 129 -13.65 -8.31 -5.70
N LYS B 130 -13.56 -7.39 -4.75
CA LYS B 130 -12.61 -6.28 -4.83
C LYS B 130 -11.27 -6.68 -4.22
N GLY B 131 -10.66 -7.72 -4.79
CA GLY B 131 -9.37 -8.16 -4.37
C GLY B 131 -8.89 -9.40 -5.13
N PRO B 132 -7.61 -9.77 -4.94
CA PRO B 132 -7.07 -10.90 -5.67
C PRO B 132 -7.67 -12.21 -5.19
N GLY B 133 -7.65 -13.19 -6.10
CA GLY B 133 -8.33 -14.44 -5.85
C GLY B 133 -7.77 -15.22 -4.68
N HIS B 134 -6.43 -15.25 -4.55
CA HIS B 134 -5.85 -15.97 -3.42
C HIS B 134 -6.29 -15.36 -2.08
N LEU B 135 -6.50 -14.04 -2.05
CA LEU B 135 -6.99 -13.41 -0.83
C LEU B 135 -8.47 -13.67 -0.58
N VAL B 136 -9.28 -13.78 -1.65
CA VAL B 136 -10.67 -14.21 -1.51
C VAL B 136 -10.75 -15.57 -0.83
N ARG B 137 -9.84 -16.48 -1.18
CA ARG B 137 -9.80 -17.80 -0.55
C ARG B 137 -9.25 -17.73 0.87
N ARG B 138 -8.10 -17.06 1.05
CA ARG B 138 -7.45 -17.03 2.37
C ARG B 138 -8.34 -16.35 3.42
N THR B 139 -8.95 -15.21 3.08
CA THR B 139 -9.77 -14.54 4.08
C THR B 139 -10.99 -15.38 4.44
N PHE B 140 -11.51 -16.15 3.48
CA PHE B 140 -12.65 -17.01 3.75
C PHE B 140 -12.28 -18.09 4.77
N VAL B 141 -11.13 -18.74 4.59
CA VAL B 141 -10.66 -19.75 5.53
C VAL B 141 -10.37 -19.15 6.90
N GLU B 142 -9.80 -17.94 6.93
CA GLU B 142 -9.47 -17.29 8.18
C GLU B 142 -10.66 -16.57 8.82
N GLY B 143 -11.88 -16.87 8.40
CA GLY B 143 -13.07 -16.29 9.01
C GLY B 143 -13.50 -14.92 8.50
N SER B 144 -12.68 -14.25 7.66
CA SER B 144 -12.98 -12.91 7.17
C SER B 144 -13.56 -12.98 5.74
N ALA B 145 -13.45 -11.88 5.00
CA ALA B 145 -13.97 -11.83 3.64
C ALA B 145 -13.44 -10.60 2.92
N VAL B 146 -13.36 -10.70 1.60
CA VAL B 146 -13.06 -9.58 0.72
C VAL B 146 -14.38 -8.96 0.28
N PRO B 147 -14.55 -7.65 0.35
CA PRO B 147 -15.81 -7.05 -0.12
C PRO B 147 -16.00 -7.29 -1.62
N SER B 148 -17.26 -7.50 -2.02
CA SER B 148 -17.58 -7.72 -3.41
C SER B 148 -18.73 -6.83 -3.86
N LEU B 149 -18.85 -6.66 -5.17
CA LEU B 149 -19.99 -6.02 -5.80
C LEU B 149 -20.87 -7.09 -6.44
N PHE B 150 -22.15 -6.76 -6.61
CA PHE B 150 -23.03 -7.64 -7.36
C PHE B 150 -23.95 -6.80 -8.22
N GLY B 151 -24.40 -7.40 -9.32
CA GLY B 151 -25.29 -6.72 -10.25
C GLY B 151 -25.97 -7.71 -11.16
N ILE B 152 -27.13 -7.31 -11.67
CA ILE B 152 -27.94 -8.16 -12.54
C ILE B 152 -28.08 -7.47 -13.89
N GLN B 153 -27.68 -8.15 -14.96
CA GLN B 153 -27.87 -7.65 -16.31
C GLN B 153 -29.16 -8.15 -16.96
N GLN B 154 -29.57 -9.39 -16.68
CA GLN B 154 -30.80 -9.95 -17.24
C GLN B 154 -31.50 -10.77 -16.19
N ASP B 155 -32.82 -10.62 -16.09
CA ASP B 155 -33.63 -11.40 -15.16
C ASP B 155 -34.72 -12.12 -15.96
N ALA B 156 -34.39 -13.31 -16.47
CA ALA B 156 -35.32 -14.08 -17.28
C ALA B 156 -36.25 -14.96 -16.45
N SER B 157 -35.77 -15.47 -15.33
CA SER B 157 -36.53 -16.40 -14.52
C SER B 157 -37.36 -15.71 -13.44
N GLY B 158 -37.08 -14.45 -13.16
CA GLY B 158 -37.66 -13.78 -12.02
C GLY B 158 -36.92 -14.00 -10.72
N GLN B 159 -35.85 -14.80 -10.72
CA GLN B 159 -35.08 -15.10 -9.52
C GLN B 159 -33.62 -14.64 -9.61
N ALA B 160 -33.25 -13.89 -10.66
CA ALA B 160 -31.84 -13.57 -10.88
C ALA B 160 -31.23 -12.87 -9.66
N ARG B 161 -31.94 -11.89 -9.09
CA ARG B 161 -31.38 -11.14 -7.98
C ARG B 161 -31.14 -12.03 -6.77
N ASN B 162 -32.12 -12.86 -6.41
CA ASN B 162 -31.95 -13.78 -5.28
C ASN B 162 -30.83 -14.76 -5.55
N ILE B 163 -30.66 -15.20 -6.80
CA ILE B 163 -29.60 -16.15 -7.11
C ILE B 163 -28.25 -15.48 -6.98
N ALA B 164 -28.15 -14.22 -7.39
CA ALA B 164 -26.89 -13.48 -7.24
C ALA B 164 -26.56 -13.26 -5.76
N LEU B 165 -27.56 -12.90 -4.94
CA LEU B 165 -27.27 -12.68 -3.53
C LEU B 165 -26.89 -13.98 -2.83
N SER B 166 -27.53 -15.09 -3.20
CA SER B 166 -27.16 -16.38 -2.61
C SER B 166 -25.81 -16.87 -3.12
N TYR B 167 -25.46 -16.56 -4.37
CA TYR B 167 -24.10 -16.86 -4.83
C TYR B 167 -23.07 -16.06 -4.05
N ALA B 168 -23.32 -14.76 -3.84
CA ALA B 168 -22.38 -13.93 -3.10
C ALA B 168 -22.20 -14.44 -1.67
N LYS B 169 -23.30 -14.88 -1.04
CA LYS B 169 -23.20 -15.47 0.29
C LYS B 169 -22.45 -16.79 0.28
N GLY B 170 -22.57 -17.56 -0.81
CA GLY B 170 -21.92 -18.86 -0.87
C GLY B 170 -20.42 -18.80 -1.03
N ILE B 171 -19.90 -17.72 -1.62
CA ILE B 171 -18.45 -17.55 -1.68
C ILE B 171 -17.92 -16.77 -0.50
N GLY B 172 -18.79 -16.32 0.42
CA GLY B 172 -18.38 -15.64 1.63
C GLY B 172 -18.45 -14.12 1.59
N ALA B 173 -18.80 -13.52 0.44
CA ALA B 173 -18.68 -12.08 0.28
C ALA B 173 -19.59 -11.30 1.23
N THR B 174 -20.77 -11.85 1.54
CA THR B 174 -21.70 -11.12 2.41
C THR B 174 -21.24 -11.09 3.87
N ARG B 175 -20.21 -11.84 4.23
CA ARG B 175 -19.56 -11.62 5.52
C ARG B 175 -19.06 -10.17 5.63
N ALA B 176 -18.28 -9.72 4.64
CA ALA B 176 -17.86 -8.34 4.61
C ALA B 176 -19.01 -7.41 4.27
N GLY B 177 -19.88 -7.83 3.35
CA GLY B 177 -20.95 -7.00 2.85
C GLY B 177 -20.76 -6.81 1.36
N VAL B 178 -21.89 -6.76 0.64
CA VAL B 178 -21.87 -6.57 -0.80
C VAL B 178 -22.75 -5.38 -1.14
N ILE B 179 -22.32 -4.66 -2.17
CA ILE B 179 -23.02 -3.48 -2.68
C ILE B 179 -23.46 -3.79 -4.10
N GLU B 180 -24.62 -3.29 -4.48
CA GLU B 180 -25.14 -3.49 -5.82
C GLU B 180 -24.60 -2.45 -6.79
N THR B 181 -24.38 -2.85 -8.03
CA THR B 181 -23.94 -1.93 -9.07
C THR B 181 -24.53 -2.39 -10.40
N THR B 182 -24.10 -1.80 -11.50
CA THR B 182 -24.46 -2.30 -12.83
C THR B 182 -23.22 -2.88 -13.51
N PHE B 183 -23.45 -3.63 -14.60
CA PHE B 183 -22.32 -4.15 -15.34
C PHE B 183 -21.43 -3.02 -15.86
N LYS B 184 -22.04 -1.94 -16.35
CA LYS B 184 -21.28 -0.82 -16.88
C LYS B 184 -20.42 -0.16 -15.80
N GLU B 185 -21.00 0.09 -14.63
CA GLU B 185 -20.25 0.74 -13.55
C GLU B 185 -19.13 -0.15 -13.03
N GLU B 186 -19.38 -1.44 -12.82
CA GLU B 186 -18.34 -2.36 -12.35
C GLU B 186 -17.20 -2.46 -13.35
N THR B 187 -17.53 -2.58 -14.65
CA THR B 187 -16.50 -2.76 -15.66
C THR B 187 -15.61 -1.53 -15.74
N GLU B 188 -16.23 -0.34 -15.83
CA GLU B 188 -15.45 0.88 -16.04
C GLU B 188 -14.61 1.25 -14.81
N THR B 189 -15.17 1.16 -13.60
CA THR B 189 -14.38 1.54 -12.42
C THR B 189 -13.26 0.56 -12.18
N ASP B 190 -13.50 -0.73 -12.43
CA ASP B 190 -12.47 -1.75 -12.23
C ASP B 190 -11.32 -1.57 -13.23
N LEU B 191 -11.65 -1.32 -14.50
CA LEU B 191 -10.61 -1.05 -15.49
C LEU B 191 -9.86 0.22 -15.14
N PHE B 192 -10.57 1.28 -14.73
CA PHE B 192 -9.89 2.54 -14.39
C PHE B 192 -8.91 2.33 -13.22
N GLY B 193 -9.35 1.65 -12.16
CA GLY B 193 -8.47 1.47 -11.00
C GLY B 193 -7.14 0.82 -11.36
N GLU B 194 -7.20 -0.34 -12.03
CA GLU B 194 -5.96 -1.03 -12.38
C GLU B 194 -5.13 -0.24 -13.41
N GLN B 195 -5.77 0.54 -14.27
CA GLN B 195 -5.04 1.28 -15.29
C GLN B 195 -4.43 2.58 -14.79
N ALA B 196 -5.13 3.32 -13.94
CA ALA B 196 -4.70 4.66 -13.60
C ALA B 196 -4.13 4.80 -12.19
N VAL B 197 -4.47 3.93 -11.25
CA VAL B 197 -4.20 4.18 -9.84
C VAL B 197 -3.40 3.06 -9.19
N LEU B 198 -3.76 1.81 -9.44
CA LEU B 198 -3.10 0.66 -8.83
C LEU B 198 -1.88 0.24 -9.65
N CYS B 199 -2.08 -0.76 -10.52
CA CYS B 199 -0.97 -1.26 -11.33
C CYS B 199 -0.34 -0.14 -12.15
N GLY B 200 -1.13 0.58 -12.93
CA GLY B 200 -0.56 1.64 -13.73
C GLY B 200 -0.26 2.94 -13.01
N GLY B 201 -0.70 3.08 -11.76
CA GLY B 201 -0.47 4.34 -11.08
C GLY B 201 0.63 4.26 -10.03
N VAL B 202 0.32 3.65 -8.89
CA VAL B 202 1.25 3.66 -7.77
C VAL B 202 2.54 2.91 -8.12
N SER B 203 2.43 1.84 -8.91
N SER B 203 2.43 1.84 -8.92
CA SER B 203 3.61 1.07 -9.27
CA SER B 203 3.62 1.08 -9.27
C SER B 203 4.57 1.90 -10.12
C SER B 203 4.58 1.91 -10.12
N LYS B 204 4.04 2.73 -11.01
CA LYS B 204 4.90 3.60 -11.82
C LYS B 204 5.38 4.80 -11.01
N LEU B 205 4.56 5.30 -10.08
CA LEU B 205 5.04 6.32 -9.15
C LEU B 205 6.23 5.81 -8.33
N ILE B 206 6.12 4.60 -7.77
CA ILE B 206 7.22 4.02 -7.00
C ILE B 206 8.47 3.87 -7.86
N GLN B 207 8.32 3.37 -9.08
CA GLN B 207 9.48 3.20 -9.95
C GLN B 207 10.11 4.54 -10.32
N SER B 208 9.29 5.55 -10.63
CA SER B 208 9.80 6.89 -10.89
C SER B 208 10.62 7.42 -9.71
N GLY B 209 10.08 7.28 -8.50
CA GLY B 209 10.83 7.68 -7.33
C GLY B 209 12.13 6.90 -7.16
N PHE B 210 12.05 5.58 -7.32
CA PHE B 210 13.25 4.75 -7.17
C PHE B 210 14.33 5.16 -8.18
N GLU B 211 13.94 5.35 -9.44
CA GLU B 211 14.91 5.73 -10.47
C GLU B 211 15.48 7.12 -10.20
N THR B 212 14.65 8.06 -9.73
CA THR B 212 15.15 9.40 -9.46
C THR B 212 16.27 9.35 -8.40
N LEU B 213 16.11 8.52 -7.37
CA LEU B 213 17.12 8.43 -6.33
C LEU B 213 18.40 7.77 -6.86
N VAL B 214 18.26 6.64 -7.54
CA VAL B 214 19.41 5.90 -8.04
C VAL B 214 20.17 6.71 -9.09
N GLU B 215 19.46 7.44 -9.95
CA GLU B 215 20.12 8.28 -10.94
C GLU B 215 20.86 9.45 -10.30
N ALA B 216 20.43 9.90 -9.11
CA ALA B 216 21.14 10.95 -8.42
C ALA B 216 22.34 10.44 -7.61
N GLY B 217 22.59 9.14 -7.61
CA GLY B 217 23.77 8.60 -6.96
C GLY B 217 23.56 7.97 -5.61
N TYR B 218 22.34 7.98 -5.06
CA TYR B 218 22.13 7.37 -3.75
C TYR B 218 22.08 5.85 -3.85
N GLN B 219 22.23 5.20 -2.71
CA GLN B 219 22.38 3.74 -2.68
C GLN B 219 21.07 3.06 -3.07
N PRO B 220 21.10 2.08 -3.96
CA PRO B 220 19.86 1.44 -4.41
C PRO B 220 19.10 0.71 -3.31
N GLU B 221 19.80 0.06 -2.38
CA GLU B 221 19.14 -0.61 -1.27
C GLU B 221 18.38 0.39 -0.40
N LEU B 222 19.00 1.55 -0.16
CA LEU B 222 18.33 2.62 0.57
C LEU B 222 17.08 3.08 -0.17
N ALA B 223 17.21 3.25 -1.49
CA ALA B 223 16.08 3.68 -2.31
C ALA B 223 14.92 2.69 -2.23
N TYR B 224 15.21 1.39 -2.32
CA TYR B 224 14.14 0.41 -2.20
C TYR B 224 13.38 0.58 -0.87
N PHE B 225 14.12 0.73 0.24
CA PHE B 225 13.46 0.84 1.53
C PHE B 225 12.62 2.11 1.63
N GLU B 226 13.09 3.19 1.01
CA GLU B 226 12.43 4.49 1.12
C GLU B 226 11.13 4.57 0.33
N VAL B 227 11.12 4.10 -0.92
CA VAL B 227 9.99 4.32 -1.81
C VAL B 227 9.09 3.10 -2.02
N LEU B 228 9.56 1.89 -1.74
CA LEU B 228 8.71 0.72 -1.93
C LEU B 228 8.29 0.09 -0.59
N HIS B 229 9.27 -0.39 0.18
CA HIS B 229 8.96 -1.09 1.42
C HIS B 229 8.12 -0.21 2.35
N GLU B 230 8.54 1.05 2.53
CA GLU B 230 7.81 1.99 3.38
C GLU B 230 6.44 2.33 2.83
N MET B 231 6.22 2.20 1.52
CA MET B 231 4.89 2.47 0.98
C MET B 231 3.85 1.58 1.62
N LYS B 232 4.18 0.30 1.82
CA LYS B 232 3.24 -0.61 2.47
C LYS B 232 2.85 -0.09 3.84
N LEU B 233 3.81 0.45 4.59
CA LEU B 233 3.54 0.97 5.91
C LEU B 233 2.62 2.19 5.88
N ILE B 234 2.85 3.13 4.95
CA ILE B 234 2.02 4.33 4.94
C ILE B 234 0.61 4.00 4.45
N VAL B 235 0.50 3.10 3.47
CA VAL B 235 -0.82 2.72 2.97
C VAL B 235 -1.60 1.94 4.03
N ASP B 236 -0.91 1.15 4.86
CA ASP B 236 -1.59 0.51 5.98
C ASP B 236 -2.25 1.54 6.89
N LEU B 237 -1.53 2.62 7.21
CA LEU B 237 -2.10 3.66 8.08
C LEU B 237 -3.31 4.32 7.44
N MET B 238 -3.19 4.72 6.16
CA MET B 238 -4.33 5.30 5.45
C MET B 238 -5.51 4.36 5.44
N TYR B 239 -5.28 3.07 5.17
CA TYR B 239 -6.35 2.09 5.11
C TYR B 239 -7.04 1.92 6.47
N GLU B 240 -6.26 1.78 7.55
CA GLU B 240 -6.76 1.49 8.90
C GLU B 240 -7.44 2.71 9.54
N GLY B 241 -6.83 3.89 9.41
CA GLY B 241 -7.29 5.03 10.16
C GLY B 241 -7.75 6.20 9.31
N GLY B 242 -7.61 6.09 8.00
CA GLY B 242 -8.03 7.21 7.16
C GLY B 242 -6.89 8.16 6.86
N MET B 243 -6.95 8.76 5.67
CA MET B 243 -5.92 9.71 5.25
C MET B 243 -5.90 10.94 6.14
N GLU B 244 -7.05 11.33 6.70
CA GLU B 244 -7.13 12.53 7.52
C GLU B 244 -6.37 12.38 8.83
N ASN B 245 -6.04 11.16 9.24
CA ASN B 245 -5.33 10.95 10.49
C ASN B 245 -3.86 10.62 10.30
N VAL B 246 -3.40 10.55 9.05
CA VAL B 246 -2.00 10.25 8.77
C VAL B 246 -1.08 11.26 9.43
N ARG B 247 -1.49 12.54 9.48
CA ARG B 247 -0.65 13.59 10.06
C ARG B 247 -0.31 13.34 11.53
N TYR B 248 -1.09 12.53 12.24
CA TYR B 248 -0.77 12.20 13.61
C TYR B 248 0.38 11.20 13.72
N SER B 249 0.71 10.49 12.64
CA SER B 249 1.79 9.52 12.65
C SER B 249 3.06 10.00 11.97
N ILE B 250 3.02 11.12 11.25
CA ILE B 250 4.17 11.59 10.50
C ILE B 250 4.69 12.87 11.16
N SER B 251 5.90 13.27 10.78
CA SER B 251 6.48 14.48 11.38
C SER B 251 5.92 15.73 10.71
N ASN B 252 6.07 16.88 11.39
CA ASN B 252 5.68 18.14 10.78
C ASN B 252 6.46 18.41 9.51
N THR B 253 7.74 18.01 9.48
CA THR B 253 8.54 18.15 8.27
C THR B 253 7.91 17.42 7.09
N ALA B 254 7.47 16.18 7.33
CA ALA B 254 6.84 15.39 6.28
C ALA B 254 5.48 15.96 5.88
N GLU B 255 4.68 16.39 6.85
CA GLU B 255 3.39 16.98 6.51
C GLU B 255 3.56 18.25 5.69
N PHE B 256 4.45 19.14 6.11
CA PHE B 256 4.77 20.33 5.33
C PHE B 256 5.28 19.96 3.94
N GLY B 257 6.24 19.03 3.87
CA GLY B 257 6.71 18.53 2.58
C GLY B 257 5.58 18.07 1.67
N ASP B 258 4.61 17.35 2.23
CA ASP B 258 3.46 16.89 1.48
C ASP B 258 2.71 18.06 0.85
N TYR B 259 2.46 19.11 1.62
CA TYR B 259 1.64 20.22 1.12
C TYR B 259 2.37 21.02 0.05
N VAL B 260 3.68 21.23 0.19
CA VAL B 260 4.38 22.08 -0.76
C VAL B 260 4.92 21.33 -1.98
N SER B 261 5.11 20.01 -1.88
CA SER B 261 5.72 19.26 -2.98
C SER B 261 4.79 18.28 -3.65
N GLY B 262 3.83 17.70 -2.93
CA GLY B 262 2.81 16.86 -3.52
C GLY B 262 2.21 17.45 -4.80
N PRO B 263 1.70 18.68 -4.74
CA PRO B 263 1.14 19.30 -5.96
C PRO B 263 2.19 19.57 -7.02
N ARG B 264 3.48 19.62 -6.69
CA ARG B 264 4.49 19.77 -7.73
C ARG B 264 4.68 18.48 -8.52
N VAL B 265 4.47 17.33 -7.89
CA VAL B 265 4.65 16.04 -8.57
C VAL B 265 3.38 15.61 -9.30
N ILE B 266 2.26 15.61 -8.58
CA ILE B 266 0.97 15.24 -9.16
C ILE B 266 0.26 16.55 -9.49
N THR B 267 0.54 17.08 -10.67
CA THR B 267 -0.01 18.35 -11.10
C THR B 267 -1.45 18.17 -11.58
N PRO B 268 -2.14 19.26 -11.91
CA PRO B 268 -3.46 19.12 -12.55
C PRO B 268 -3.45 18.32 -13.84
N ASP B 269 -2.32 18.28 -14.57
CA ASP B 269 -2.33 17.51 -15.81
C ASP B 269 -2.46 16.01 -15.56
N VAL B 270 -1.99 15.51 -14.41
CA VAL B 270 -2.17 14.08 -14.10
C VAL B 270 -3.65 13.73 -14.05
N LYS B 271 -4.47 14.58 -13.41
CA LYS B 271 -5.90 14.33 -13.40
C LYS B 271 -6.49 14.41 -14.80
N GLU B 272 -6.04 15.36 -15.62
CA GLU B 272 -6.56 15.44 -16.98
C GLU B 272 -6.24 14.17 -17.77
N ASN B 273 -5.06 13.59 -17.54
CA ASN B 273 -4.73 12.35 -18.23
C ASN B 273 -5.54 11.17 -17.70
N MET B 274 -5.90 11.18 -16.42
CA MET B 274 -6.78 10.14 -15.89
C MET B 274 -8.14 10.19 -16.57
N LYS B 275 -8.65 11.40 -16.80
CA LYS B 275 -9.94 11.51 -17.49
C LYS B 275 -9.86 10.98 -18.92
N ALA B 276 -8.72 11.18 -19.59
CA ALA B 276 -8.57 10.68 -20.96
C ALA B 276 -8.48 9.15 -20.97
N VAL B 277 -7.82 8.57 -19.96
CA VAL B 277 -7.82 7.12 -19.79
C VAL B 277 -9.22 6.61 -19.58
N LEU B 278 -9.98 7.26 -18.71
CA LEU B 278 -11.36 6.86 -18.46
C LEU B 278 -12.21 6.97 -19.73
N THR B 279 -12.02 8.04 -20.51
CA THR B 279 -12.75 8.19 -21.77
C THR B 279 -12.56 6.98 -22.68
N ASP B 280 -11.32 6.52 -22.82
CA ASP B 280 -11.02 5.39 -23.70
C ASP B 280 -11.46 4.06 -23.13
N ILE B 281 -11.59 3.95 -21.82
CA ILE B 281 -12.25 2.80 -21.23
C ILE B 281 -13.74 2.78 -21.59
N GLN B 282 -14.42 3.91 -21.46
CA GLN B 282 -15.87 3.94 -21.65
C GLN B 282 -16.27 3.70 -23.10
N ASN B 283 -15.49 4.21 -24.05
CA ASN B 283 -15.93 4.18 -25.44
C ASN B 283 -15.47 2.93 -26.19
N GLY B 284 -14.85 1.97 -25.52
CA GLY B 284 -14.41 0.77 -26.19
C GLY B 284 -13.02 0.83 -26.80
N ASN B 285 -12.34 1.98 -26.73
CA ASN B 285 -10.98 2.02 -27.26
C ASN B 285 -10.06 1.04 -26.53
N PHE B 286 -10.17 0.95 -25.20
CA PHE B 286 -9.28 0.03 -24.50
C PHE B 286 -9.62 -1.42 -24.81
N SER B 287 -10.90 -1.77 -24.74
CA SER B 287 -11.28 -3.16 -24.94
C SER B 287 -11.01 -3.62 -26.38
N ASN B 288 -11.16 -2.72 -27.36
CA ASN B 288 -10.84 -3.09 -28.74
C ASN B 288 -9.35 -3.42 -28.88
N ARG B 289 -8.48 -2.61 -28.28
CA ARG B 289 -7.05 -2.84 -28.41
C ARG B 289 -6.62 -4.11 -27.67
N PHE B 290 -7.24 -4.40 -26.52
CA PHE B 290 -6.90 -5.61 -25.78
C PHE B 290 -7.33 -6.86 -26.54
N ILE B 291 -8.58 -6.86 -27.03
CA ILE B 291 -9.11 -8.01 -27.76
C ILE B 291 -8.37 -8.22 -29.07
N GLU B 292 -8.01 -7.13 -29.75
CA GLU B 292 -7.31 -7.27 -31.02
C GLU B 292 -5.90 -7.82 -30.80
N ASP B 293 -5.20 -7.35 -29.76
CA ASP B 293 -3.86 -7.86 -29.53
C ASP B 293 -3.88 -9.35 -29.21
N ASN B 294 -4.88 -9.80 -28.45
CA ASN B 294 -5.00 -11.23 -28.19
C ASN B 294 -5.21 -12.02 -29.49
N LYS B 295 -5.98 -11.46 -30.44
CA LYS B 295 -6.18 -12.14 -31.71
C LYS B 295 -4.89 -12.27 -32.52
N ASN B 296 -3.91 -11.40 -32.27
CA ASN B 296 -2.63 -11.44 -32.96
C ASN B 296 -1.52 -12.01 -32.08
N GLY B 297 -1.86 -12.87 -31.13
CA GLY B 297 -0.86 -13.53 -30.32
C GLY B 297 -0.24 -12.71 -29.20
N PHE B 298 -0.91 -11.64 -28.76
CA PHE B 298 -0.42 -10.79 -27.67
C PHE B 298 0.95 -10.21 -27.98
N LYS B 299 1.19 -9.90 -29.26
CA LYS B 299 2.48 -9.37 -29.67
C LYS B 299 2.79 -8.08 -28.93
N GLU B 300 1.83 -7.16 -28.88
CA GLU B 300 2.05 -5.91 -28.17
C GLU B 300 2.17 -6.15 -26.66
N PHE B 301 1.31 -7.02 -26.11
CA PHE B 301 1.35 -7.37 -24.69
C PHE B 301 2.74 -7.85 -24.27
N TYR B 302 3.29 -8.82 -24.98
CA TYR B 302 4.59 -9.39 -24.60
C TYR B 302 5.71 -8.39 -24.76
N LYS B 303 5.67 -7.55 -25.81
CA LYS B 303 6.69 -6.52 -25.98
C LYS B 303 6.65 -5.52 -24.83
N LEU B 304 5.46 -5.08 -24.45
CA LEU B 304 5.34 -4.12 -23.35
C LEU B 304 5.81 -4.73 -22.04
N ARG B 305 5.56 -6.02 -21.84
CA ARG B 305 6.04 -6.67 -20.61
C ARG B 305 7.55 -6.61 -20.50
N GLU B 306 8.25 -6.80 -21.63
CA GLU B 306 9.71 -6.74 -21.63
C GLU B 306 10.21 -5.30 -21.47
N GLU B 307 9.50 -4.33 -22.06
CA GLU B 307 9.98 -2.95 -22.05
C GLU B 307 9.92 -2.32 -20.66
N GLN B 308 8.84 -2.59 -19.90
CA GLN B 308 8.58 -1.92 -18.64
C GLN B 308 8.97 -2.77 -17.44
N HIS B 309 9.85 -3.77 -17.65
CA HIS B 309 10.13 -4.73 -16.60
C HIS B 309 10.66 -4.06 -15.32
N GLY B 310 11.70 -3.24 -15.43
CA GLY B 310 12.27 -2.66 -14.22
C GLY B 310 13.24 -3.59 -13.51
N HIS B 311 14.41 -3.79 -14.10
CA HIS B 311 15.28 -4.86 -13.66
C HIS B 311 15.97 -4.54 -12.33
N GLN B 312 16.38 -3.29 -12.13
CA GLN B 312 17.17 -2.98 -10.94
C GLN B 312 16.33 -3.05 -9.66
N ILE B 313 15.12 -2.49 -9.69
CA ILE B 313 14.31 -2.49 -8.48
C ILE B 313 13.89 -3.92 -8.13
N GLU B 314 13.64 -4.76 -9.13
CA GLU B 314 13.29 -6.15 -8.85
C GLU B 314 14.49 -6.93 -8.31
N LYS B 315 15.69 -6.65 -8.83
CA LYS B 315 16.88 -7.36 -8.36
C LYS B 315 17.24 -6.95 -6.93
N VAL B 316 17.24 -5.64 -6.67
CA VAL B 316 17.54 -5.12 -5.33
C VAL B 316 16.51 -5.63 -4.33
N GLY B 317 15.23 -5.62 -4.70
CA GLY B 317 14.18 -6.04 -3.78
C GLY B 317 14.22 -7.53 -3.48
N ARG B 318 14.53 -8.36 -4.49
CA ARG B 318 14.64 -9.80 -4.26
C ARG B 318 15.70 -10.10 -3.20
N GLU B 319 16.85 -9.43 -3.28
CA GLU B 319 17.93 -9.69 -2.32
C GLU B 319 17.56 -9.21 -0.92
N LEU B 320 16.87 -8.06 -0.83
CA LEU B 320 16.48 -7.55 0.48
C LEU B 320 15.37 -8.41 1.09
N ARG B 321 14.40 -8.86 0.28
CA ARG B 321 13.29 -9.64 0.80
C ARG B 321 13.74 -11.03 1.24
N GLU B 322 14.74 -11.60 0.58
CA GLU B 322 15.18 -12.94 0.93
C GLU B 322 15.70 -13.01 2.36
N MET B 323 16.23 -11.92 2.88
CA MET B 323 16.82 -11.92 4.21
C MET B 323 15.83 -11.51 5.30
N MET B 324 14.61 -11.18 4.94
CA MET B 324 13.62 -10.84 5.95
C MET B 324 12.74 -12.05 6.21
N PRO B 325 12.94 -12.78 7.31
CA PRO B 325 12.16 -14.00 7.55
C PRO B 325 10.67 -13.77 7.78
N PHE B 326 10.23 -12.54 8.03
CA PHE B 326 8.82 -12.23 8.24
C PHE B 326 8.10 -11.90 6.95
N ILE B 327 8.49 -12.50 5.83
CA ILE B 327 7.94 -12.21 4.49
C ILE B 327 7.79 -10.70 4.25
MG MG C . 11.03 12.37 7.45
MG MG D . 11.32 8.77 6.45
PA NAP E . 6.42 14.28 17.20
PA NAP E . 6.17 14.16 17.26
O1A NAP E . 5.66 13.07 16.79
O1A NAP E . 5.54 12.86 16.94
O2A NAP E . 5.91 15.66 16.91
O2A NAP E . 5.66 15.45 16.68
O5B NAP E . 6.79 14.14 18.80
O5B NAP E . 6.22 14.28 18.91
C5B NAP E . 7.06 15.43 19.22
C5B NAP E . 7.20 15.25 19.18
C4B NAP E . 7.38 15.39 20.70
C4B NAP E . 7.59 15.14 20.68
O4B NAP E . 8.19 16.49 21.09
O4B NAP E . 8.35 16.27 21.09
C3B NAP E . 6.04 15.43 21.48
C3B NAP E . 6.33 15.05 21.58
O3B NAP E . 5.99 14.33 22.34
O3B NAP E . 6.64 14.21 22.65
C2B NAP E . 6.19 16.75 22.32
C2B NAP E . 6.19 16.51 22.14
O2B NAP E . 5.69 16.66 23.55
O2B NAP E . 5.70 16.57 23.40
C1B NAP E . 7.74 16.80 22.40
C1B NAP E . 7.70 16.83 22.25
N9A NAP E . 8.28 18.11 22.82
N9A NAP E . 8.02 18.27 22.35
C8A NAP E . 9.13 18.37 23.91
C8A NAP E . 7.56 19.32 21.54
N7A NAP E . 9.46 19.67 24.03
N7A NAP E . 8.08 20.51 21.90
C5A NAP E . 8.78 20.30 22.98
C5A NAP E . 8.91 20.22 22.99
C6A NAP E . 8.71 21.65 22.58
C6A NAP E . 9.71 21.03 23.79
N6A NAP E . 9.39 22.61 23.29
N6A NAP E . 9.75 22.37 23.55
N1A NAP E . 7.96 22.05 21.51
N1A NAP E . 10.46 20.53 24.84
C2A NAP E . 7.31 21.02 20.85
C2A NAP E . 10.37 19.16 25.04
N3A NAP E . 7.27 19.69 21.10
N3A NAP E . 9.63 18.24 24.35
C4A NAP E . 8.04 19.35 22.21
C4A NAP E . 8.89 18.84 23.30
O3 NAP E . 7.83 14.13 16.34
O3 NAP E . 7.77 14.04 16.75
PN NAP E . 7.91 12.70 15.65
PN NAP E . 8.05 12.85 15.68
O1N NAP E . 8.03 11.65 16.70
O1N NAP E . 8.32 11.61 16.44
O2N NAP E . 7.02 12.56 14.44
O2N NAP E . 7.26 12.88 14.39
O5D NAP E . 9.47 12.57 14.89
O5D NAP E . 9.60 13.34 15.06
C5D NAP E . 10.40 13.20 15.68
C5D NAP E . 10.61 13.02 15.91
C4D NAP E . 11.76 13.00 15.02
C4D NAP E . 11.90 12.86 15.05
O4D NAP E . 11.83 11.71 14.38
O4D NAP E . 11.88 11.62 14.34
C3D NAP E . 11.94 14.05 13.89
C3D NAP E . 12.02 13.95 13.94
O3D NAP E . 13.29 14.37 13.85
O3D NAP E . 13.38 14.18 13.81
C2D NAP E . 11.52 13.26 12.64
C2D NAP E . 11.47 13.26 12.69
O2D NAP E . 12.16 13.70 11.48
O2D NAP E . 12.00 13.75 11.49
C1D NAP E . 12.08 11.88 13.00
C1D NAP E . 12.06 11.88 12.94
N1N NAP E . 11.37 10.81 12.27
N1N NAP E . 11.31 10.81 12.24
C2N NAP E . 10.00 10.73 12.39
C2N NAP E . 9.94 10.71 12.41
C3N NAP E . 9.31 9.70 11.80
C3N NAP E . 9.27 9.68 11.83
C7N NAP E . 7.88 9.66 12.00
C7N NAP E . 7.83 9.53 12.09
O7N NAP E . 7.20 8.63 11.82
O7N NAP E . 7.27 8.45 11.89
N7N NAP E . 7.24 10.80 12.44
N7N NAP E . 7.09 10.58 12.62
C4N NAP E . 9.99 8.67 10.97
C4N NAP E . 9.93 8.67 10.96
C5N NAP E . 11.45 8.83 10.93
C5N NAP E . 11.40 8.77 10.99
C6N NAP E . 12.07 9.85 11.53
C6N NAP E . 12.02 9.80 11.57
P2B NAP E . 4.09 17.52 23.74
P2B NAP E . 4.15 17.49 23.63
O1X NAP E . 3.24 16.30 23.78
O1X NAP E . 3.24 16.32 23.67
O2X NAP E . 4.02 18.38 22.47
O2X NAP E . 4.07 18.39 22.39
O3X NAP E . 4.38 18.22 25.04
O3X NAP E . 4.47 18.16 24.92
C02 EKD F . 8.74 11.48 8.49
C03 EKD F . 9.23 10.24 7.74
C05 EKD F . 6.98 9.16 7.56
C06 EKD F . 6.42 7.78 7.79
C07 EKD F . 6.21 7.04 6.50
C08 EKD F . 5.58 7.87 5.41
C09 EKD F . 6.34 9.15 5.20
C10 EKD F . 6.28 9.89 6.49
N04 EKD F . 8.37 9.18 7.31
O01 EKD F . 7.73 11.44 9.09
O11 EKD F . 10.32 10.14 7.51
O12 EKD F . 9.32 12.53 8.50
MG MG G . -10.57 -5.20 -9.53
C02 EKD H . -7.90 -7.66 -11.91
C03 EKD H . -8.64 -6.83 -10.85
C05 EKD H . -6.80 -6.72 -9.22
C06 EKD H . -6.35 -5.28 -9.17
C07 EKD H . -5.14 -5.02 -8.33
C08 EKD H . -5.29 -5.73 -7.00
C09 EKD H . -5.60 -7.21 -7.10
C10 EKD H . -6.83 -7.46 -7.91
N04 EKD H . -8.10 -6.45 -9.62
O01 EKD H . -8.23 -7.65 -13.07
O11 EKD H . -9.72 -6.47 -11.05
O12 EKD H . -6.96 -8.32 -11.59
C02 EKA I . 8.74 11.51 8.49
C03 EKA I . 9.23 10.23 7.74
C06 EKA I . 6.89 9.13 7.60
C07 EKA I . 6.18 9.92 6.53
C08 EKA I . 6.27 9.18 5.20
C09 EKA I . 5.65 7.82 5.32
C10 EKA I . 6.22 7.00 6.47
C11 EKA I . 6.29 7.74 7.76
N04 EKA I . 8.35 9.13 7.34
O01 EKA I . 7.74 11.49 9.12
O05 EKA I . 8.92 7.99 6.67
O12 EKA I . 10.35 10.11 7.51
O13 EKA I . 9.34 12.57 8.51
MG MG J . -9.91 -6.19 -13.05
PA NAP K . -6.53 -16.72 -14.72
O1A NAP K . -6.00 -16.50 -13.36
O2A NAP K . -5.78 -16.29 -15.94
O5B NAP K . -6.99 -18.31 -14.78
C5B NAP K . -7.43 -18.55 -16.04
C4B NAP K . -8.08 -19.94 -16.02
O4B NAP K . -8.78 -20.21 -17.25
C3B NAP K . -6.99 -21.02 -15.80
O3B NAP K . -7.52 -22.03 -15.00
C2B NAP K . -6.80 -21.58 -17.24
O2B NAP K . -6.49 -22.86 -17.29
C1B NAP K . -8.28 -21.45 -17.75
N9A NAP K . -8.35 -21.43 -19.22
C8A NAP K . -7.60 -20.66 -20.12
N7A NAP K . -7.89 -20.87 -21.40
C5A NAP K . -8.92 -21.84 -21.36
C6A NAP K . -9.65 -22.50 -22.38
N6A NAP K . -9.41 -22.19 -23.73
N1A NAP K . -10.60 -23.42 -22.07
C2A NAP K . -10.78 -23.67 -20.71
N3A NAP K . -10.16 -23.15 -19.64
C4A NAP K . -9.22 -22.21 -20.00
O3 NAP K . -7.94 -15.83 -14.79
PN NAP K . -8.14 -14.86 -13.55
O1N NAP K . -8.76 -15.61 -12.43
O2N NAP K . -7.09 -13.78 -13.39
O5D NAP K . -9.48 -13.85 -14.02
C5D NAP K . -10.57 -14.59 -14.28
C4D NAP K . -11.77 -13.63 -14.22
O4D NAP K . -11.80 -12.99 -12.95
C3D NAP K . -11.62 -12.46 -15.27
O3D NAP K . -12.91 -12.07 -15.67
C2D NAP K . -10.97 -11.35 -14.43
O2D NAP K . -11.23 -10.06 -14.90
C1D NAP K . -11.78 -11.57 -13.12
N1N NAP K . -11.16 -11.04 -11.95
C2N NAP K . -9.86 -11.40 -11.60
C3N NAP K . -9.30 -10.94 -10.45
C7N NAP K . -7.96 -11.39 -10.11
O7N NAP K . -7.51 -11.36 -8.96
N7N NAP K . -7.14 -11.88 -11.10
C4N NAP K . -9.99 -10.00 -9.52
C5N NAP K . -11.45 -9.79 -9.90
C6N NAP K . -11.96 -10.27 -11.04
P2B NAP K . -4.81 -23.25 -17.81
O1X NAP K . -4.28 -23.46 -16.42
O2X NAP K . -4.29 -22.03 -18.58
O3X NAP K . -5.13 -24.47 -18.62
#